data_6C3A
#
_entry.id   6C3A
#
_cell.length_a   78.800
_cell.length_b   112.550
_cell.length_c   101.970
_cell.angle_alpha   90.000
_cell.angle_beta   96.390
_cell.angle_gamma   90.000
#
_symmetry.space_group_name_H-M   'C 1 2 1'
#
loop_
_entity.id
_entity.type
_entity.pdbx_description
1 polymer 'Uncharacterized protein'
2 non-polymer 1,2-ETHANEDIOL
3 non-polymer DI(HYDROXYETHYL)ETHER
4 non-polymer '(4S)-5-carbamimidamido-4-hydroxy-2-oxopentanoic acid'
5 water water
#
_entity_poly.entity_id   1
_entity_poly.type   'polypeptide(L)'
_entity_poly.pdbx_seq_one_letter_code
;MGSSHHHHHHSSGLVPRGSHMHPQATPAPGAPLLDLTQHEIQALTMKYNLADAHTHQRQSASQQSIVSRLPQLWYEAEEG
LQATYEKRFTEAFFQLHRQPTALVKNKTMLSYAASISTMVAGMFLKKERLAVTLIEPCFDNLYDVLANMDVPLYPIDESV
FYDVDRIYPELERRVRTDALFLVDPNNPTGFSLLRHGRKGFEEVVRFCKDHDKLLLIDFCFASFTLFEPELARFDMYELL
ENSGVRYLAIEDTG(LLP)TWPVQDAKCALITASDDIWETVYNLHTSVLLNVSPFVLNMLTQYVRDSAADRLASVREVLT
RNRECARKTLDGSILEYQEPVVKVSVAWFRVDHPELTATDVHRLLSADGVYVLPGRYFYWSEPSKGDAYVRMALAREPEM
FADAMALTRQVLDRHGR
;
_entity_poly.pdbx_strand_id   A,B
#
# COMPACT_ATOMS: atom_id res chain seq x y z
N LEU A 34 10.33 18.87 -0.73
CA LEU A 34 9.79 18.87 0.63
C LEU A 34 8.26 18.90 0.58
N ASP A 35 7.63 18.22 1.54
CA ASP A 35 6.18 18.17 1.63
C ASP A 35 5.80 18.02 3.09
N LEU A 36 4.49 17.95 3.36
CA LEU A 36 4.04 17.84 4.74
C LEU A 36 4.41 16.49 5.33
N THR A 37 4.45 15.43 4.50
CA THR A 37 4.82 14.12 5.00
C THR A 37 6.25 14.13 5.54
N GLN A 38 7.14 14.87 4.89
CA GLN A 38 8.51 14.96 5.38
C GLN A 38 8.59 15.77 6.67
N HIS A 39 7.78 16.82 6.79
CA HIS A 39 7.63 17.47 8.09
C HIS A 39 7.18 16.48 9.15
N GLU A 40 6.27 15.58 8.78
CA GLU A 40 5.72 14.63 9.74
C GLU A 40 6.72 13.56 10.13
N ILE A 41 7.61 13.17 9.21
CA ILE A 41 8.67 12.23 9.55
C ILE A 41 9.53 12.80 10.67
N GLN A 42 9.91 14.07 10.55
CA GLN A 42 10.76 14.69 11.56
C GLN A 42 10.00 14.84 12.89
N ALA A 43 8.72 15.22 12.82
CA ALA A 43 7.95 15.39 14.06
C ALA A 43 7.77 14.07 14.80
N LEU A 44 7.72 12.95 14.07
CA LEU A 44 7.50 11.64 14.69
C LEU A 44 8.64 11.26 15.64
N THR A 45 9.80 11.90 15.55
CA THR A 45 10.90 11.65 16.45
C THR A 45 10.83 12.49 17.72
N MET A 46 9.78 13.29 17.88
CA MET A 46 9.74 14.30 18.92
C MET A 46 8.60 14.04 19.90
N LYS A 47 8.82 14.46 21.15
CA LYS A 47 7.83 14.25 22.20
C LYS A 47 6.52 14.95 21.89
N TYR A 48 6.57 16.25 21.63
CA TYR A 48 5.35 17.02 21.34
C TYR A 48 5.15 17.14 19.83
N ASN A 49 4.82 16.00 19.23
CA ASN A 49 4.51 15.97 17.81
C ASN A 49 3.02 16.25 17.63
N LEU A 50 2.71 17.45 17.13
CA LEU A 50 1.36 17.83 16.78
C LEU A 50 1.22 17.99 15.27
N ALA A 51 2.01 17.21 14.53
CA ALA A 51 2.07 17.37 13.08
C ALA A 51 1.16 16.39 12.35
N ASP A 52 1.52 15.12 12.29
CA ASP A 52 0.76 14.19 11.47
C ASP A 52 -0.59 13.90 12.10
N ALA A 53 -1.62 13.83 11.26
CA ALA A 53 -2.95 13.59 11.77
C ALA A 53 -3.19 12.15 12.16
N HIS A 54 -2.19 11.28 12.02
CA HIS A 54 -2.37 9.89 12.37
C HIS A 54 -2.70 9.78 13.85
N THR A 55 -3.38 8.68 14.20
CA THR A 55 -3.86 8.47 15.56
C THR A 55 -2.71 7.99 16.45
N HIS A 56 -2.44 8.74 17.53
CA HIS A 56 -1.41 8.38 18.48
C HIS A 56 -1.91 8.40 19.92
N GLN A 57 -3.22 8.55 20.14
CA GLN A 57 -3.77 8.32 21.46
C GLN A 57 -3.67 6.83 21.79
N ARG A 58 -3.72 6.53 23.09
CA ARG A 58 -3.66 5.12 23.50
C ARG A 58 -5.04 4.49 23.41
N GLN A 59 -5.10 3.21 23.78
CA GLN A 59 -6.31 2.43 23.67
C GLN A 59 -7.27 2.73 24.81
N SER A 60 -8.56 2.76 24.50
CA SER A 60 -9.62 2.76 25.49
C SER A 60 -9.64 1.42 26.22
N ALA A 61 -10.40 1.37 27.32
CA ALA A 61 -10.47 0.12 28.09
C ALA A 61 -11.03 -1.01 27.23
N SER A 62 -12.08 -0.75 26.45
CA SER A 62 -12.59 -1.81 25.61
C SER A 62 -11.65 -2.09 24.44
N GLN A 63 -10.89 -1.09 23.99
CA GLN A 63 -9.92 -1.36 22.93
C GLN A 63 -8.74 -2.18 23.45
N GLN A 64 -8.36 -2.03 24.72
CA GLN A 64 -7.33 -2.91 25.27
C GLN A 64 -7.80 -4.37 25.25
N SER A 65 -9.11 -4.59 25.32
CA SER A 65 -9.64 -5.94 25.16
C SER A 65 -9.36 -6.49 23.77
N ILE A 66 -9.58 -5.68 22.73
CA ILE A 66 -9.24 -6.10 21.38
C ILE A 66 -7.77 -6.50 21.31
N VAL A 67 -6.90 -5.66 21.86
CA VAL A 67 -5.46 -5.95 21.84
C VAL A 67 -5.19 -7.31 22.47
N SER A 68 -5.87 -7.62 23.59
CA SER A 68 -5.64 -8.90 24.25
C SER A 68 -6.06 -10.09 23.41
N ARG A 69 -6.92 -9.89 22.41
CA ARG A 69 -7.42 -10.96 21.55
C ARG A 69 -6.62 -11.07 20.25
N LEU A 70 -5.59 -10.26 20.07
CA LEU A 70 -4.84 -10.31 18.81
C LEU A 70 -4.36 -11.72 18.45
N PRO A 71 -3.86 -12.54 19.39
CA PRO A 71 -3.49 -13.93 19.01
C PRO A 71 -4.67 -14.72 18.44
N GLN A 72 -5.85 -14.61 19.06
CA GLN A 72 -7.03 -15.29 18.52
C GLN A 72 -7.44 -14.71 17.18
N LEU A 73 -7.39 -13.38 17.03
CA LEU A 73 -7.74 -12.76 15.76
C LEU A 73 -6.78 -13.23 14.67
N TRP A 74 -5.51 -13.44 15.02
CA TRP A 74 -4.53 -13.99 14.08
C TRP A 74 -4.91 -15.40 13.65
N TYR A 75 -5.14 -16.30 14.61
CA TYR A 75 -5.42 -17.68 14.25
C TYR A 75 -6.77 -17.82 13.56
N GLU A 76 -7.77 -17.01 13.94
CA GLU A 76 -9.03 -17.00 13.22
C GLU A 76 -8.83 -16.70 11.74
N ALA A 77 -8.03 -15.67 11.43
CA ALA A 77 -7.83 -15.29 10.03
C ALA A 77 -7.08 -16.35 9.24
N GLU A 78 -6.27 -17.18 9.92
CA GLU A 78 -5.57 -18.26 9.23
C GLU A 78 -6.54 -19.36 8.81
N GLU A 79 -7.55 -19.63 9.63
CA GLU A 79 -8.47 -20.73 9.39
C GLU A 79 -9.66 -20.35 8.51
N GLY A 80 -10.04 -19.08 8.48
CA GLY A 80 -11.20 -18.66 7.73
C GLY A 80 -10.86 -18.25 6.31
N LEU A 81 -11.91 -17.93 5.55
CA LEU A 81 -11.74 -17.52 4.16
C LEU A 81 -11.47 -16.02 4.07
N GLN A 82 -10.55 -15.65 3.18
CA GLN A 82 -10.27 -14.24 2.94
C GLN A 82 -11.55 -13.45 2.66
N ALA A 83 -12.42 -14.00 1.82
CA ALA A 83 -13.64 -13.27 1.45
C ALA A 83 -14.54 -13.04 2.66
N THR A 84 -14.54 -13.98 3.62
CA THR A 84 -15.33 -13.80 4.83
C THR A 84 -14.86 -12.58 5.61
N TYR A 85 -13.54 -12.40 5.76
CA TYR A 85 -13.06 -11.25 6.51
C TYR A 85 -13.27 -9.94 5.75
N GLU A 86 -13.18 -9.97 4.41
CA GLU A 86 -13.51 -8.78 3.63
C GLU A 86 -14.97 -8.41 3.83
N LYS A 87 -15.87 -9.41 3.76
CA LYS A 87 -17.30 -9.13 3.87
C LYS A 87 -17.66 -8.63 5.26
N ARG A 88 -17.14 -9.28 6.29
CA ARG A 88 -17.47 -8.88 7.65
C ARG A 88 -16.96 -7.49 7.94
N PHE A 89 -15.78 -7.14 7.41
CA PHE A 89 -15.26 -5.79 7.62
C PHE A 89 -16.10 -4.75 6.88
N THR A 90 -16.37 -5.00 5.60
CA THR A 90 -17.13 -4.05 4.80
C THR A 90 -18.52 -3.83 5.38
N GLU A 91 -19.18 -4.92 5.82
CA GLU A 91 -20.48 -4.81 6.46
C GLU A 91 -20.41 -3.97 7.73
N ALA A 92 -19.46 -4.27 8.62
CA ALA A 92 -19.36 -3.49 9.85
C ALA A 92 -19.12 -2.02 9.55
N PHE A 93 -18.23 -1.74 8.59
CA PHE A 93 -17.86 -0.36 8.27
C PHE A 93 -19.06 0.42 7.76
N PHE A 94 -19.76 -0.11 6.77
CA PHE A 94 -20.86 0.65 6.20
C PHE A 94 -22.13 0.58 7.04
N GLN A 95 -22.21 -0.34 8.01
CA GLN A 95 -23.27 -0.27 9.02
C GLN A 95 -23.02 0.88 9.98
N LEU A 96 -21.77 1.03 10.45
CA LEU A 96 -21.46 2.14 11.34
C LEU A 96 -21.66 3.47 10.64
N HIS A 97 -21.21 3.57 9.39
CA HIS A 97 -21.33 4.81 8.63
C HIS A 97 -22.72 5.01 8.04
N ARG A 98 -23.62 4.05 8.18
CA ARG A 98 -25.01 4.15 7.71
C ARG A 98 -25.07 4.42 6.21
N GLN A 99 -24.38 3.57 5.47
CA GLN A 99 -24.35 3.61 4.00
C GLN A 99 -24.92 2.31 3.43
N PRO A 100 -26.22 2.03 3.65
CA PRO A 100 -26.74 0.72 3.24
C PRO A 100 -26.65 0.47 1.76
N THR A 101 -26.73 1.52 0.93
CA THR A 101 -26.65 1.31 -0.50
C THR A 101 -25.32 0.68 -0.90
N ALA A 102 -24.24 1.04 -0.21
CA ALA A 102 -22.95 0.46 -0.56
C ALA A 102 -22.94 -1.03 -0.32
N LEU A 103 -23.67 -1.51 0.69
CA LEU A 103 -23.72 -2.95 0.96
C LEU A 103 -24.61 -3.68 -0.02
N VAL A 104 -25.66 -3.03 -0.54
CA VAL A 104 -26.48 -3.67 -1.55
C VAL A 104 -25.69 -3.83 -2.84
N LYS A 105 -25.00 -2.77 -3.27
CA LYS A 105 -24.23 -2.84 -4.51
C LYS A 105 -23.08 -3.83 -4.39
N ASN A 106 -22.46 -3.90 -3.22
CA ASN A 106 -21.41 -4.89 -2.91
C ASN A 106 -20.33 -4.92 -3.98
N LYS A 107 -19.74 -3.75 -4.24
CA LYS A 107 -18.73 -3.62 -5.28
C LYS A 107 -17.51 -2.85 -4.77
N THR A 108 -17.35 -2.75 -3.46
CA THR A 108 -16.29 -1.93 -2.86
C THR A 108 -15.00 -2.75 -2.77
N MET A 109 -13.87 -2.12 -3.06
CA MET A 109 -12.57 -2.77 -3.06
CA MET A 109 -12.60 -2.82 -3.01
C MET A 109 -11.69 -2.21 -1.96
N LEU A 110 -10.91 -3.09 -1.33
CA LEU A 110 -10.12 -2.76 -0.15
C LEU A 110 -8.63 -2.66 -0.47
N SER A 111 -7.96 -1.66 0.10
CA SER A 111 -6.52 -1.48 -0.11
C SER A 111 -5.85 -1.11 1.21
N TYR A 112 -4.52 -1.00 1.16
CA TYR A 112 -3.71 -0.77 2.36
C TYR A 112 -3.95 0.60 2.97
N ALA A 113 -4.37 1.58 2.17
CA ALA A 113 -4.40 2.95 2.69
C ALA A 113 -5.10 3.84 1.66
N ALA A 114 -5.65 4.95 2.16
CA ALA A 114 -6.38 5.84 1.27
C ALA A 114 -5.52 6.37 0.13
N SER A 115 -4.22 6.60 0.38
CA SER A 115 -3.36 7.05 -0.71
C SER A 115 -3.22 5.99 -1.79
N ILE A 116 -3.28 4.71 -1.42
CA ILE A 116 -3.20 3.65 -2.43
C ILE A 116 -4.48 3.65 -3.26
N SER A 117 -5.65 3.76 -2.62
CA SER A 117 -6.90 3.93 -3.35
C SER A 117 -6.83 5.15 -4.27
N THR A 118 -6.21 6.24 -3.80
CA THR A 118 -6.05 7.42 -4.62
C THR A 118 -5.17 7.15 -5.84
N MET A 119 -4.13 6.31 -5.68
CA MET A 119 -3.29 5.98 -6.84
C MET A 119 -4.05 5.14 -7.84
N VAL A 120 -4.95 4.27 -7.39
CA VAL A 120 -5.81 3.55 -8.33
C VAL A 120 -6.68 4.54 -9.10
N ALA A 121 -7.26 5.52 -8.40
CA ALA A 121 -8.00 6.58 -9.09
C ALA A 121 -7.10 7.31 -10.08
N GLY A 122 -5.85 7.58 -9.68
CA GLY A 122 -4.92 8.22 -10.58
C GLY A 122 -4.67 7.43 -11.85
N MET A 123 -4.59 6.11 -11.73
CA MET A 123 -4.39 5.29 -12.92
C MET A 123 -5.59 5.40 -13.85
N PHE A 124 -6.80 5.48 -13.29
CA PHE A 124 -7.98 5.65 -14.11
C PHE A 124 -7.98 7.02 -14.77
N LEU A 125 -7.67 8.07 -13.99
CA LEU A 125 -7.60 9.43 -14.54
C LEU A 125 -6.62 9.51 -15.70
N LYS A 126 -5.46 8.88 -15.57
CA LYS A 126 -4.48 8.95 -16.64
C LYS A 126 -4.95 8.17 -17.85
N LYS A 127 -5.54 6.98 -17.65
CA LYS A 127 -6.00 6.19 -18.77
C LYS A 127 -7.03 6.94 -19.61
N GLU A 128 -7.87 7.72 -18.94
CA GLU A 128 -8.96 8.43 -19.60
C GLU A 128 -8.61 9.86 -19.97
N ARG A 129 -7.36 10.26 -19.78
CA ARG A 129 -6.87 11.60 -20.13
C ARG A 129 -7.64 12.70 -19.40
N LEU A 130 -8.01 12.43 -18.15
CA LEU A 130 -8.78 13.36 -17.36
C LEU A 130 -7.86 14.24 -16.51
N ALA A 131 -8.11 15.54 -16.56
CA ALA A 131 -7.50 16.48 -15.62
C ALA A 131 -8.45 16.67 -14.43
N VAL A 132 -7.89 17.13 -13.31
CA VAL A 132 -8.62 17.19 -12.06
C VAL A 132 -8.68 18.62 -11.57
N THR A 133 -9.88 19.06 -11.21
CA THR A 133 -10.06 20.26 -10.40
C THR A 133 -10.15 19.78 -8.95
N LEU A 134 -9.16 20.17 -8.14
CA LEU A 134 -8.98 19.64 -6.80
C LEU A 134 -9.22 20.74 -5.78
N ILE A 135 -9.90 20.37 -4.68
CA ILE A 135 -10.16 21.30 -3.58
C ILE A 135 -8.86 21.89 -3.05
N GLU A 136 -8.92 23.18 -2.68
CA GLU A 136 -7.83 23.90 -2.04
C GLU A 136 -8.45 24.73 -0.93
N PRO A 137 -7.91 24.70 0.29
CA PRO A 137 -6.76 23.90 0.71
C PRO A 137 -7.11 22.44 0.89
N CYS A 138 -6.09 21.60 0.93
CA CYS A 138 -6.26 20.21 1.27
C CYS A 138 -4.89 19.67 1.63
N PHE A 139 -4.85 18.52 2.28
CA PHE A 139 -3.55 17.98 2.62
C PHE A 139 -2.76 17.71 1.35
N ASP A 140 -1.47 18.06 1.37
CA ASP A 140 -0.73 18.22 0.13
C ASP A 140 -0.42 16.91 -0.59
N ASN A 141 -0.38 15.78 0.12
CA ASN A 141 0.00 14.57 -0.59
C ASN A 141 -1.08 14.13 -1.58
N LEU A 142 -2.31 14.61 -1.41
CA LEU A 142 -3.33 14.35 -2.44
C LEU A 142 -2.94 14.99 -3.76
N TYR A 143 -2.57 16.27 -3.72
CA TYR A 143 -2.00 16.92 -4.89
C TYR A 143 -0.73 16.21 -5.34
N ASP A 144 0.20 15.98 -4.41
CA ASP A 144 1.52 15.47 -4.76
C ASP A 144 1.45 14.11 -5.44
N VAL A 145 0.65 13.20 -4.90
CA VAL A 145 0.64 11.85 -5.46
C VAL A 145 0.01 11.86 -6.86
N LEU A 146 -1.04 12.65 -7.07
CA LEU A 146 -1.63 12.76 -8.40
C LEU A 146 -0.70 13.48 -9.36
N ALA A 147 -0.05 14.56 -8.90
CA ALA A 147 0.94 15.23 -9.74
C ALA A 147 2.10 14.30 -10.07
N ASN A 148 2.52 13.47 -9.11
CA ASN A 148 3.59 12.53 -9.38
C ASN A 148 3.17 11.44 -10.35
N MET A 149 1.87 11.29 -10.59
CA MET A 149 1.35 10.41 -11.64
C MET A 149 1.04 11.16 -12.92
N ASP A 150 1.48 12.42 -13.02
CA ASP A 150 1.32 13.26 -14.21
C ASP A 150 -0.16 13.58 -14.50
N VAL A 151 -1.00 13.59 -13.48
CA VAL A 151 -2.38 14.07 -13.64
C VAL A 151 -2.37 15.60 -13.59
N PRO A 152 -2.89 16.29 -14.61
CA PRO A 152 -2.98 17.75 -14.54
C PRO A 152 -3.98 18.17 -13.46
N LEU A 153 -3.60 19.17 -12.66
CA LEU A 153 -4.36 19.57 -11.47
C LEU A 153 -4.53 21.07 -11.45
N TYR A 154 -5.75 21.50 -11.11
CA TYR A 154 -6.14 22.90 -11.05
C TYR A 154 -6.96 23.10 -9.79
N PRO A 155 -6.75 24.20 -9.06
CA PRO A 155 -7.43 24.37 -7.78
C PRO A 155 -8.86 24.88 -7.91
N ILE A 156 -9.66 24.56 -6.90
CA ILE A 156 -10.92 25.26 -6.66
C ILE A 156 -11.02 25.53 -5.16
N ASP A 157 -11.29 26.78 -4.81
CA ASP A 157 -11.25 27.14 -3.40
C ASP A 157 -12.46 26.59 -2.67
N GLU A 158 -12.23 26.20 -1.41
CA GLU A 158 -13.29 25.66 -0.57
C GLU A 158 -14.47 26.61 -0.43
N SER A 159 -14.23 27.92 -0.52
CA SER A 159 -15.31 28.90 -0.34
C SER A 159 -16.40 28.77 -1.40
N VAL A 160 -16.13 28.07 -2.51
CA VAL A 160 -17.14 27.83 -3.54
C VAL A 160 -18.31 27.04 -2.98
N PHE A 161 -18.11 26.34 -1.87
CA PHE A 161 -19.13 25.47 -1.30
C PHE A 161 -19.81 26.06 -0.07
N TYR A 162 -19.49 27.31 0.31
CA TYR A 162 -20.03 27.87 1.54
C TYR A 162 -21.51 28.24 1.43
N ASP A 163 -21.95 28.69 0.26
CA ASP A 163 -23.33 29.16 0.04
C ASP A 163 -24.03 28.14 -0.85
N VAL A 164 -25.03 27.45 -0.30
CA VAL A 164 -25.60 26.31 -1.01
C VAL A 164 -26.20 26.72 -2.36
N ASP A 165 -26.78 27.92 -2.43
CA ASP A 165 -27.42 28.32 -3.67
C ASP A 165 -26.43 28.88 -4.69
N ARG A 166 -25.14 28.96 -4.36
CA ARG A 166 -24.15 29.35 -5.35
C ARG A 166 -23.25 28.20 -5.81
N ILE A 167 -23.40 27.00 -5.24
CA ILE A 167 -22.52 25.89 -5.59
C ILE A 167 -22.60 25.59 -7.07
N TYR A 168 -23.82 25.37 -7.58
CA TYR A 168 -23.94 24.97 -8.98
C TYR A 168 -23.42 26.04 -9.94
N PRO A 169 -23.83 27.31 -9.84
CA PRO A 169 -23.28 28.30 -10.80
C PRO A 169 -21.79 28.50 -10.63
N GLU A 170 -21.25 28.39 -9.41
CA GLU A 170 -19.81 28.55 -9.27
C GLU A 170 -19.07 27.42 -9.94
N LEU A 171 -19.58 26.18 -9.82
CA LEU A 171 -18.94 25.06 -10.51
C LEU A 171 -19.03 25.23 -12.02
N GLU A 172 -20.16 25.72 -12.52
CA GLU A 172 -20.29 25.95 -13.96
C GLU A 172 -19.24 26.93 -14.46
N ARG A 173 -18.94 27.96 -13.67
CA ARG A 173 -18.00 28.98 -14.11
C ARG A 173 -16.55 28.57 -13.88
N ARG A 174 -16.27 27.70 -12.92
CA ARG A 174 -14.90 27.46 -12.47
C ARG A 174 -14.34 26.10 -12.83
N VAL A 175 -15.15 25.06 -12.94
CA VAL A 175 -14.65 23.70 -13.20
C VAL A 175 -14.50 23.55 -14.71
N ARG A 176 -13.26 23.50 -15.17
CA ARG A 176 -12.98 23.44 -16.59
C ARG A 176 -12.19 22.19 -16.94
N THR A 177 -12.27 21.20 -16.06
CA THR A 177 -11.71 19.87 -16.27
C THR A 177 -12.86 18.89 -16.31
N ASP A 178 -12.56 17.64 -16.64
CA ASP A 178 -13.61 16.65 -16.71
C ASP A 178 -13.69 15.80 -15.45
N ALA A 179 -12.86 16.08 -14.45
CA ALA A 179 -12.97 15.45 -13.15
C ALA A 179 -12.87 16.49 -12.04
N LEU A 180 -13.62 16.24 -10.97
CA LEU A 180 -13.67 17.11 -9.81
C LEU A 180 -13.38 16.27 -8.58
N PHE A 181 -12.40 16.67 -7.76
CA PHE A 181 -11.94 15.88 -6.62
C PHE A 181 -12.16 16.69 -5.35
N LEU A 182 -13.07 16.23 -4.49
CA LEU A 182 -13.38 16.89 -3.24
C LEU A 182 -12.94 16.04 -2.07
N VAL A 183 -12.73 16.70 -0.93
CA VAL A 183 -12.42 16.04 0.33
C VAL A 183 -13.44 16.52 1.34
N ASP A 184 -14.29 15.63 1.82
CA ASP A 184 -15.40 16.06 2.66
C ASP A 184 -15.68 15.04 3.76
N PRO A 185 -15.54 15.44 5.03
CA PRO A 185 -15.10 16.76 5.51
C PRO A 185 -13.67 17.07 5.11
N ASN A 186 -13.35 18.35 4.96
CA ASN A 186 -12.06 18.70 4.43
C ASN A 186 -10.98 18.66 5.50
N ASN A 187 -9.78 18.27 5.07
CA ASN A 187 -8.55 18.34 5.83
C ASN A 187 -7.74 19.45 5.19
N PRO A 188 -7.47 20.59 5.86
CA PRO A 188 -7.42 20.76 7.32
C PRO A 188 -8.57 21.53 7.98
N THR A 189 -9.55 22.01 7.21
CA THR A 189 -10.50 22.99 7.74
C THR A 189 -11.67 22.38 8.47
N GLY A 190 -11.93 21.09 8.29
CA GLY A 190 -13.15 20.51 8.83
C GLY A 190 -14.41 20.95 8.12
N PHE A 191 -14.29 21.63 6.99
CA PHE A 191 -15.50 22.04 6.30
C PHE A 191 -16.26 20.83 5.76
N SER A 192 -17.57 20.93 5.72
CA SER A 192 -18.33 19.87 5.06
C SER A 192 -19.56 20.44 4.39
N LEU A 193 -19.85 19.90 3.20
CA LEU A 193 -21.13 20.16 2.54
C LEU A 193 -22.32 19.77 3.40
N LEU A 194 -22.12 18.93 4.43
CA LEU A 194 -23.21 18.50 5.28
C LEU A 194 -23.78 19.65 6.12
N ARG A 195 -23.08 20.79 6.19
CA ARG A 195 -23.69 22.00 6.73
C ARG A 195 -24.99 22.33 6.01
N HIS A 196 -25.12 21.92 4.75
CA HIS A 196 -26.31 22.19 3.95
C HIS A 196 -27.30 21.03 3.94
N GLY A 197 -27.18 20.10 4.88
CA GLY A 197 -28.05 18.94 4.84
C GLY A 197 -27.67 18.04 3.68
N ARG A 198 -28.66 17.62 2.90
CA ARG A 198 -28.39 16.90 1.67
C ARG A 198 -28.06 17.81 0.50
N LYS A 199 -28.48 19.07 0.57
CA LYS A 199 -28.55 19.89 -0.64
C LYS A 199 -27.17 20.21 -1.20
N GLY A 200 -26.16 20.35 -0.36
CA GLY A 200 -24.84 20.70 -0.86
C GLY A 200 -24.29 19.61 -1.75
N PHE A 201 -24.30 18.38 -1.24
CA PHE A 201 -23.89 17.24 -2.07
C PHE A 201 -24.80 17.08 -3.28
N GLU A 202 -26.11 17.30 -3.11
CA GLU A 202 -27.02 17.15 -4.25
C GLU A 202 -26.67 18.13 -5.36
N GLU A 203 -26.25 19.35 -5.01
CA GLU A 203 -25.91 20.34 -6.03
C GLU A 203 -24.61 19.98 -6.74
N VAL A 204 -23.60 19.50 -5.99
CA VAL A 204 -22.36 19.04 -6.59
C VAL A 204 -22.63 17.89 -7.56
N VAL A 205 -23.43 16.93 -7.11
CA VAL A 205 -23.75 15.77 -7.95
C VAL A 205 -24.55 16.19 -9.18
N ARG A 206 -25.55 17.07 -9.00
CA ARG A 206 -26.30 17.60 -10.12
C ARG A 206 -25.37 18.22 -11.16
N PHE A 207 -24.42 19.04 -10.71
CA PHE A 207 -23.48 19.66 -11.63
C PHE A 207 -22.68 18.61 -12.39
N CYS A 208 -22.13 17.63 -11.66
CA CYS A 208 -21.27 16.65 -12.30
C CYS A 208 -22.06 15.77 -13.27
N LYS A 209 -23.27 15.37 -12.89
CA LYS A 209 -24.10 14.58 -13.81
C LYS A 209 -24.45 15.39 -15.04
N ASP A 210 -24.93 16.64 -14.83
CA ASP A 210 -25.35 17.49 -15.95
C ASP A 210 -24.21 17.71 -16.94
N HIS A 211 -22.98 17.81 -16.45
CA HIS A 211 -21.87 18.23 -17.29
C HIS A 211 -20.88 17.10 -17.57
N ASP A 212 -21.29 15.86 -17.31
CA ASP A 212 -20.49 14.67 -17.62
CA ASP A 212 -20.49 14.67 -17.63
C ASP A 212 -19.10 14.74 -16.99
N LYS A 213 -19.08 15.07 -15.71
CA LYS A 213 -17.85 15.13 -14.94
C LYS A 213 -17.73 13.90 -14.05
N LEU A 214 -16.50 13.40 -13.92
CA LEU A 214 -16.20 12.38 -12.91
C LEU A 214 -16.03 13.05 -11.56
N LEU A 215 -16.78 12.56 -10.57
CA LEU A 215 -16.75 13.08 -9.21
C LEU A 215 -15.94 12.12 -8.35
N LEU A 216 -14.81 12.58 -7.84
CA LEU A 216 -14.02 11.83 -6.86
C LEU A 216 -14.21 12.47 -5.49
N ILE A 217 -14.50 11.67 -4.47
CA ILE A 217 -14.70 12.20 -3.13
C ILE A 217 -13.91 11.37 -2.13
N ASP A 218 -13.09 12.05 -1.35
CA ASP A 218 -12.32 11.47 -0.25
C ASP A 218 -13.14 11.70 1.02
N PHE A 219 -13.67 10.62 1.59
CA PHE A 219 -14.51 10.67 2.79
C PHE A 219 -13.74 10.26 4.04
N CYS A 220 -12.40 10.38 4.04
CA CYS A 220 -11.60 9.86 5.15
CA CYS A 220 -11.62 9.83 5.15
C CYS A 220 -12.02 10.43 6.50
N PHE A 221 -12.49 11.68 6.52
CA PHE A 221 -12.88 12.33 7.78
C PHE A 221 -14.37 12.15 8.09
N ALA A 222 -15.11 11.33 7.33
CA ALA A 222 -16.56 11.27 7.48
C ALA A 222 -16.98 10.64 8.80
N SER A 223 -16.15 9.80 9.41
CA SER A 223 -16.49 9.24 10.71
C SER A 223 -16.76 10.34 11.74
N PHE A 224 -16.14 11.51 11.57
CA PHE A 224 -16.30 12.55 12.57
C PHE A 224 -17.65 13.26 12.46
N THR A 225 -18.45 12.94 11.44
CA THR A 225 -19.83 13.40 11.40
C THR A 225 -20.79 12.46 12.10
N LEU A 226 -20.38 11.23 12.39
CA LEU A 226 -21.34 10.22 12.77
C LEU A 226 -21.92 10.53 14.15
N PHE A 227 -23.23 10.27 14.29
CA PHE A 227 -24.02 10.51 15.49
C PHE A 227 -24.24 11.99 15.79
N GLU A 228 -23.78 12.88 14.93
CA GLU A 228 -24.10 14.31 15.09
C GLU A 228 -25.56 14.55 14.75
N PRO A 229 -26.30 15.31 15.58
CA PRO A 229 -27.73 15.50 15.31
C PRO A 229 -28.04 16.13 13.98
N GLU A 230 -27.27 17.14 13.56
CA GLU A 230 -27.55 17.83 12.32
C GLU A 230 -26.61 17.46 11.19
N LEU A 231 -25.42 16.96 11.50
CA LEU A 231 -24.37 16.77 10.52
C LEU A 231 -24.13 15.33 10.11
N ALA A 232 -24.78 14.35 10.76
CA ALA A 232 -24.46 12.95 10.47
C ALA A 232 -24.67 12.67 8.99
N ARG A 233 -23.66 12.06 8.37
CA ARG A 233 -23.72 11.85 6.93
C ARG A 233 -24.94 11.00 6.55
N PHE A 234 -25.61 11.39 5.47
CA PHE A 234 -26.69 10.58 4.91
C PHE A 234 -26.06 9.49 4.03
N ASP A 235 -26.89 8.63 3.43
CA ASP A 235 -26.38 7.56 2.56
C ASP A 235 -25.92 8.19 1.25
N MET A 236 -24.60 8.42 1.14
CA MET A 236 -24.04 9.07 -0.04
C MET A 236 -24.15 8.18 -1.26
N TYR A 237 -24.09 6.87 -1.07
CA TYR A 237 -24.08 5.98 -2.22
C TYR A 237 -25.46 5.87 -2.85
N GLU A 238 -26.52 6.06 -2.05
CA GLU A 238 -27.86 6.19 -2.62
C GLU A 238 -27.91 7.36 -3.60
N LEU A 239 -27.37 8.52 -3.20
CA LEU A 239 -27.35 9.68 -4.08
C LEU A 239 -26.48 9.44 -5.31
N LEU A 240 -25.27 8.94 -5.09
CA LEU A 240 -24.35 8.71 -6.21
C LEU A 240 -24.95 7.71 -7.21
N GLU A 241 -25.49 6.60 -6.72
CA GLU A 241 -26.08 5.60 -7.61
C GLU A 241 -27.30 6.16 -8.32
N ASN A 242 -28.25 6.74 -7.57
CA ASN A 242 -29.49 7.22 -8.19
C ASN A 242 -29.20 8.25 -9.26
N SER A 243 -28.20 9.11 -9.03
CA SER A 243 -27.93 10.19 -9.97
C SER A 243 -27.37 9.68 -11.29
N GLY A 244 -26.74 8.51 -11.27
CA GLY A 244 -26.04 8.04 -12.44
C GLY A 244 -24.71 8.71 -12.71
N VAL A 245 -24.24 9.55 -11.80
CA VAL A 245 -22.97 10.24 -11.98
C VAL A 245 -21.82 9.24 -12.01
N ARG A 246 -20.82 9.51 -12.84
CA ARG A 246 -19.56 8.77 -12.77
C ARG A 246 -18.83 9.19 -11.50
N TYR A 247 -18.40 8.21 -10.69
CA TYR A 247 -17.80 8.56 -9.41
C TYR A 247 -16.79 7.54 -8.94
N LEU A 248 -15.90 8.03 -8.08
CA LEU A 248 -15.00 7.22 -7.27
C LEU A 248 -15.05 7.78 -5.86
N ALA A 249 -15.39 6.92 -4.89
CA ALA A 249 -15.56 7.34 -3.49
C ALA A 249 -14.57 6.56 -2.64
N ILE A 250 -13.78 7.27 -1.85
CA ILE A 250 -12.73 6.66 -1.02
C ILE A 250 -13.10 6.85 0.45
N GLU A 251 -13.07 5.75 1.21
CA GLU A 251 -13.32 5.75 2.65
C GLU A 251 -12.08 5.21 3.37
N ASP A 252 -11.96 5.50 4.66
CA ASP A 252 -10.74 5.19 5.41
C ASP A 252 -11.06 4.78 6.83
N THR A 253 -10.15 3.98 7.42
CA THR A 253 -10.18 3.64 8.85
C THR A 253 -9.05 4.27 9.63
N GLY A 254 -7.94 4.60 8.98
CA GLY A 254 -6.71 4.88 9.70
C GLY A 254 -6.76 6.14 10.54
N THR A 256 -9.42 7.35 12.00
CA THR A 256 -10.50 7.25 12.98
C THR A 256 -10.06 6.52 14.23
N TRP A 257 -9.43 5.35 14.05
CA TRP A 257 -9.14 4.48 15.17
C TRP A 257 -7.65 4.43 15.47
N PRO A 258 -7.27 4.19 16.72
CA PRO A 258 -5.84 4.06 17.10
C PRO A 258 -5.33 2.66 16.78
N VAL A 259 -5.16 2.39 15.49
CA VAL A 259 -4.75 1.07 15.03
C VAL A 259 -3.31 1.09 14.53
N GLN A 260 -2.54 2.11 14.90
CA GLN A 260 -1.12 2.18 14.58
C GLN A 260 -0.86 2.00 13.09
N ASP A 261 -1.76 2.54 12.26
CA ASP A 261 -1.66 2.48 10.81
C ASP A 261 -1.71 1.06 10.24
N ALA A 262 -2.18 0.10 11.02
CA ALA A 262 -2.53 -1.23 10.52
C ALA A 262 -3.98 -1.12 10.08
N LYS A 263 -4.20 -0.71 8.84
CA LYS A 263 -5.45 -0.10 8.46
C LYS A 263 -5.91 -0.62 7.12
N CYS A 264 -7.02 -0.06 6.66
CA CYS A 264 -7.63 -0.45 5.39
CA CYS A 264 -7.45 -0.35 5.31
C CYS A 264 -8.39 0.74 4.83
N ALA A 265 -8.33 0.95 3.53
CA ALA A 265 -9.15 1.95 2.86
C ALA A 265 -10.07 1.25 1.88
N LEU A 266 -11.13 1.96 1.47
CA LEU A 266 -12.16 1.40 0.62
C LEU A 266 -12.38 2.31 -0.56
N ILE A 267 -12.54 1.73 -1.76
CA ILE A 267 -12.92 2.54 -2.92
C ILE A 267 -14.12 1.90 -3.60
N THR A 268 -15.06 2.75 -4.02
CA THR A 268 -16.27 2.33 -4.71
C THR A 268 -16.40 3.17 -5.97
N ALA A 269 -16.73 2.52 -7.08
CA ALA A 269 -16.83 3.18 -8.37
C ALA A 269 -18.23 3.03 -8.91
N SER A 270 -18.66 3.99 -9.73
CA SER A 270 -19.93 3.86 -10.42
C SER A 270 -19.90 2.65 -11.36
N ASP A 271 -21.10 2.13 -11.66
CA ASP A 271 -21.20 0.88 -12.42
C ASP A 271 -20.53 0.98 -13.79
N ASP A 272 -20.58 2.15 -14.43
CA ASP A 272 -20.08 2.27 -15.79
C ASP A 272 -18.56 2.18 -15.87
N ILE A 273 -17.83 2.44 -14.78
CA ILE A 273 -16.38 2.36 -14.77
C ILE A 273 -15.89 1.27 -13.84
N TRP A 274 -16.81 0.53 -13.18
CA TRP A 274 -16.43 -0.46 -12.17
C TRP A 274 -15.45 -1.49 -12.72
N GLU A 275 -15.70 -2.03 -13.92
CA GLU A 275 -14.84 -3.09 -14.41
C GLU A 275 -13.41 -2.59 -14.67
N THR A 276 -13.27 -1.42 -15.30
CA THR A 276 -11.95 -0.85 -15.52
C THR A 276 -11.22 -0.63 -14.19
N VAL A 277 -11.92 -0.05 -13.22
CA VAL A 277 -11.29 0.26 -11.94
C VAL A 277 -10.94 -1.01 -11.18
N TYR A 278 -11.81 -2.02 -11.26
CA TYR A 278 -11.52 -3.32 -10.66
C TYR A 278 -10.21 -3.89 -11.19
N ASN A 279 -10.04 -3.87 -12.52
CA ASN A 279 -8.80 -4.42 -13.09
C ASN A 279 -7.58 -3.60 -12.69
N LEU A 280 -7.71 -2.27 -12.60
CA LEU A 280 -6.60 -1.47 -12.10
C LEU A 280 -6.26 -1.85 -10.67
N HIS A 281 -7.29 -2.00 -9.84
CA HIS A 281 -7.10 -2.28 -8.41
C HIS A 281 -6.43 -3.61 -8.19
N THR A 282 -6.79 -4.62 -8.99
CA THR A 282 -6.20 -5.94 -8.78
C THR A 282 -4.75 -5.99 -9.21
N SER A 283 -4.28 -5.05 -10.04
CA SER A 283 -2.86 -4.99 -10.32
C SER A 283 -2.07 -4.52 -9.11
N VAL A 284 -2.68 -3.78 -8.21
CA VAL A 284 -1.96 -3.23 -7.07
C VAL A 284 -1.85 -4.24 -5.93
N LEU A 285 -2.92 -4.99 -5.64
CA LEU A 285 -2.87 -5.94 -4.55
C LEU A 285 -3.94 -7.00 -4.75
N LEU A 286 -3.65 -8.20 -4.24
CA LEU A 286 -4.63 -9.27 -4.24
C LEU A 286 -5.62 -9.11 -3.09
N ASN A 287 -5.14 -8.72 -1.93
CA ASN A 287 -5.95 -8.69 -0.73
C ASN A 287 -5.26 -7.88 0.34
N VAL A 288 -6.05 -7.33 1.23
CA VAL A 288 -5.55 -6.82 2.51
C VAL A 288 -5.46 -7.99 3.48
N SER A 289 -4.50 -7.92 4.39
CA SER A 289 -4.31 -8.94 5.41
C SER A 289 -5.64 -9.30 6.08
N PRO A 290 -6.04 -10.57 6.07
CA PRO A 290 -7.28 -10.92 6.80
C PRO A 290 -7.13 -10.76 8.31
N PHE A 291 -5.91 -10.83 8.84
CA PHE A 291 -5.68 -10.51 10.24
C PHE A 291 -6.02 -9.06 10.53
N VAL A 292 -5.49 -8.15 9.71
CA VAL A 292 -5.80 -6.74 9.88
C VAL A 292 -7.31 -6.49 9.72
N LEU A 293 -7.93 -7.10 8.70
CA LEU A 293 -9.37 -6.92 8.52
C LEU A 293 -10.14 -7.43 9.74
N ASN A 294 -9.76 -8.59 10.26
CA ASN A 294 -10.42 -9.14 11.44
C ASN A 294 -10.28 -8.18 12.63
N MET A 295 -9.06 -7.67 12.84
CA MET A 295 -8.82 -6.71 13.91
C MET A 295 -9.62 -5.43 13.72
N LEU A 296 -9.59 -4.85 12.51
CA LEU A 296 -10.32 -3.61 12.28
C LEU A 296 -11.81 -3.80 12.53
N THR A 297 -12.34 -4.95 12.17
CA THR A 297 -13.76 -5.21 12.38
C THR A 297 -14.11 -5.13 13.86
N GLN A 298 -13.19 -5.55 14.73
CA GLN A 298 -13.43 -5.41 16.16
C GLN A 298 -13.49 -3.94 16.57
N TYR A 299 -12.62 -3.10 16.01
CA TYR A 299 -12.65 -1.67 16.34
C TYR A 299 -13.93 -1.02 15.86
N VAL A 300 -14.37 -1.35 14.64
CA VAL A 300 -15.61 -0.78 14.12
C VAL A 300 -16.79 -1.18 15.00
N ARG A 301 -16.87 -2.46 15.36
CA ARG A 301 -17.95 -2.93 16.21
C ARG A 301 -17.90 -2.27 17.58
N ASP A 302 -16.70 -2.12 18.13
CA ASP A 302 -16.56 -1.48 19.42
C ASP A 302 -17.08 -0.06 19.40
N SER A 303 -16.85 0.65 18.29
CA SER A 303 -17.30 2.03 18.18
C SER A 303 -18.79 2.12 17.86
N ALA A 304 -19.36 1.10 17.19
CA ALA A 304 -20.81 1.05 17.11
C ALA A 304 -21.44 0.92 18.49
N ALA A 305 -20.80 0.15 19.37
CA ALA A 305 -21.38 -0.09 20.68
C ALA A 305 -21.32 1.14 21.57
N ASP A 306 -20.30 2.00 21.40
CA ASP A 306 -20.21 3.20 22.23
C ASP A 306 -20.48 4.48 21.44
N ARG A 307 -21.06 4.37 20.24
CA ARG A 307 -21.41 5.52 19.42
C ARG A 307 -20.22 6.46 19.23
N LEU A 308 -19.05 5.86 18.98
CA LEU A 308 -17.78 6.54 18.73
C LEU A 308 -17.32 7.42 19.89
N ALA A 309 -17.83 7.15 21.10
CA ALA A 309 -17.48 7.96 22.26
C ALA A 309 -15.97 8.00 22.50
N SER A 310 -15.29 6.86 22.38
CA SER A 310 -13.87 6.86 22.74
C SER A 310 -13.03 7.61 21.72
N VAL A 311 -13.49 7.72 20.48
CA VAL A 311 -12.84 8.58 19.49
C VAL A 311 -13.17 10.04 19.77
N ARG A 312 -14.45 10.35 19.92
CA ARG A 312 -14.89 11.74 20.03
C ARG A 312 -14.34 12.41 21.28
N GLU A 313 -14.26 11.67 22.39
CA GLU A 313 -13.92 12.30 23.67
C GLU A 313 -12.47 12.75 23.70
N VAL A 314 -11.57 11.99 23.07
CA VAL A 314 -10.16 12.38 23.03
C VAL A 314 -10.00 13.67 22.23
N LEU A 315 -10.63 13.71 21.05
CA LEU A 315 -10.54 14.91 20.20
C LEU A 315 -11.16 16.11 20.89
N THR A 316 -12.31 15.90 21.56
CA THR A 316 -12.96 16.99 22.28
C THR A 316 -12.07 17.54 23.39
N ARG A 317 -11.43 16.65 24.16
CA ARG A 317 -10.58 17.12 25.25
C ARG A 317 -9.44 17.97 24.72
N ASN A 318 -8.82 17.54 23.62
CA ASN A 318 -7.68 18.29 23.10
C ASN A 318 -8.13 19.53 22.35
N ARG A 319 -9.22 19.44 21.60
CA ARG A 319 -9.77 20.62 20.90
C ARG A 319 -10.10 21.71 21.90
N GLU A 320 -10.76 21.35 23.00
CA GLU A 320 -11.11 22.34 24.01
C GLU A 320 -9.88 22.87 24.73
N CYS A 321 -8.88 22.01 24.96
CA CYS A 321 -7.64 22.48 25.58
C CYS A 321 -6.94 23.48 24.67
N ALA A 322 -6.87 23.19 23.36
CA ALA A 322 -6.25 24.12 22.43
C ALA A 322 -7.01 25.44 22.36
N ARG A 323 -8.35 25.37 22.25
CA ARG A 323 -9.15 26.58 22.15
C ARG A 323 -8.95 27.46 23.38
N LYS A 324 -8.99 26.85 24.56
CA LYS A 324 -8.87 27.63 25.79
C LYS A 324 -7.47 28.21 25.96
N THR A 325 -6.45 27.41 25.63
CA THR A 325 -5.08 27.85 25.82
C THR A 325 -4.71 28.99 24.88
N LEU A 326 -5.21 28.95 23.64
CA LEU A 326 -4.80 29.89 22.61
C LEU A 326 -5.81 31.00 22.36
N ASP A 327 -6.93 31.02 23.09
CA ASP A 327 -7.89 32.10 22.96
C ASP A 327 -7.20 33.43 23.24
N GLY A 328 -7.32 34.37 22.30
CA GLY A 328 -6.67 35.67 22.42
C GLY A 328 -5.21 35.70 22.05
N SER A 329 -4.62 34.56 21.69
CA SER A 329 -3.22 34.52 21.29
C SER A 329 -3.09 34.89 19.81
N ILE A 330 -1.86 34.87 19.30
CA ILE A 330 -1.65 35.15 17.88
C ILE A 330 -2.11 34.00 16.99
N LEU A 331 -2.47 32.86 17.56
CA LEU A 331 -3.04 31.76 16.82
C LEU A 331 -4.55 31.79 17.00
N GLU A 332 -5.27 32.12 15.94
CA GLU A 332 -6.71 32.34 15.97
C GLU A 332 -7.42 31.08 15.49
N TYR A 333 -8.10 30.39 16.41
CA TYR A 333 -8.79 29.16 16.10
C TYR A 333 -9.86 29.39 15.04
N GLN A 334 -9.86 28.55 14.01
CA GLN A 334 -10.86 28.59 12.94
C GLN A 334 -11.86 27.48 13.20
N GLU A 335 -13.05 27.86 13.68
CA GLU A 335 -14.06 26.87 14.04
C GLU A 335 -14.45 26.03 12.83
N PRO A 336 -14.37 24.70 12.93
CA PRO A 336 -14.71 23.84 11.79
C PRO A 336 -16.19 23.49 11.78
N VAL A 337 -16.69 23.19 10.58
CA VAL A 337 -18.04 22.66 10.47
C VAL A 337 -18.14 21.35 11.23
N VAL A 338 -17.18 20.47 11.02
CA VAL A 338 -17.15 19.12 11.58
C VAL A 338 -15.99 19.03 12.56
N LYS A 339 -16.24 18.37 13.70
CA LYS A 339 -15.22 18.16 14.73
C LYS A 339 -14.24 17.07 14.30
N VAL A 340 -13.40 17.43 13.33
CA VAL A 340 -12.41 16.51 12.80
C VAL A 340 -11.20 16.44 13.72
N SER A 341 -10.24 15.58 13.39
CA SER A 341 -9.11 15.29 14.29
C SER A 341 -7.95 16.26 14.12
N VAL A 342 -8.17 17.40 13.46
CA VAL A 342 -7.14 18.43 13.33
C VAL A 342 -7.77 19.77 13.62
N ALA A 343 -6.95 20.69 14.13
CA ALA A 343 -7.35 22.06 14.40
C ALA A 343 -6.57 23.01 13.50
N TRP A 344 -7.25 24.04 13.01
CA TRP A 344 -6.75 24.96 11.99
C TRP A 344 -6.75 26.35 12.59
N PHE A 345 -5.61 27.02 12.55
CA PHE A 345 -5.45 28.33 13.16
C PHE A 345 -4.96 29.34 12.13
N ARG A 346 -5.45 30.57 12.25
CA ARG A 346 -4.96 31.69 11.46
C ARG A 346 -3.95 32.47 12.29
N VAL A 347 -2.85 32.86 11.65
CA VAL A 347 -1.85 33.69 12.30
C VAL A 347 -2.33 35.13 12.28
N ASP A 348 -2.61 35.68 13.46
CA ASP A 348 -3.07 37.06 13.61
C ASP A 348 -1.91 37.88 14.20
N HIS A 349 -1.06 38.40 13.31
CA HIS A 349 0.10 39.17 13.73
C HIS A 349 0.50 40.08 12.58
N PRO A 350 1.05 41.26 12.86
CA PRO A 350 1.46 42.15 11.76
C PRO A 350 2.58 41.59 10.90
N GLU A 351 3.60 40.99 11.51
CA GLU A 351 4.80 40.58 10.79
C GLU A 351 5.00 39.07 10.71
N LEU A 352 4.69 38.34 11.77
CA LEU A 352 5.01 36.92 11.83
C LEU A 352 4.16 36.12 10.85
N THR A 353 4.78 35.14 10.20
CA THR A 353 4.10 34.23 9.31
C THR A 353 3.94 32.86 9.99
N ALA A 354 3.24 31.96 9.30
CA ALA A 354 3.16 30.59 9.78
C ALA A 354 4.53 29.93 9.81
N THR A 355 5.40 30.27 8.87
CA THR A 355 6.76 29.75 8.87
C THR A 355 7.51 30.21 10.12
N ASP A 356 7.31 31.46 10.53
CA ASP A 356 7.94 31.95 11.75
C ASP A 356 7.38 31.24 12.97
N VAL A 357 6.07 31.02 13.01
CA VAL A 357 5.45 30.36 14.16
C VAL A 357 5.96 28.93 14.26
N HIS A 358 6.02 28.23 13.13
CA HIS A 358 6.54 26.86 13.13
C HIS A 358 7.97 26.81 13.66
N ARG A 359 8.82 27.73 13.20
CA ARG A 359 10.21 27.72 13.66
C ARG A 359 10.30 28.05 15.15
N LEU A 360 9.51 29.02 15.61
CA LEU A 360 9.57 29.40 17.02
C LEU A 360 9.08 28.28 17.92
N LEU A 361 8.04 27.57 17.51
CA LEU A 361 7.51 26.48 18.33
C LEU A 361 8.43 25.27 18.29
N SER A 362 8.97 24.93 17.13
CA SER A 362 9.85 23.77 17.05
C SER A 362 11.15 24.01 17.80
N ALA A 363 11.64 25.25 17.82
CA ALA A 363 12.83 25.56 18.61
C ALA A 363 12.63 25.22 20.07
N ASP A 364 11.38 25.21 20.54
CA ASP A 364 11.06 24.83 21.92
C ASP A 364 10.47 23.42 22.01
N GLY A 365 10.47 22.68 20.92
CA GLY A 365 10.09 21.28 20.94
C GLY A 365 8.66 20.94 20.55
N VAL A 366 7.87 21.92 20.11
CA VAL A 366 6.49 21.69 19.69
C VAL A 366 6.44 21.75 18.16
N TYR A 367 5.93 20.69 17.55
CA TYR A 367 5.96 20.55 16.10
C TYR A 367 4.54 20.61 15.55
N VAL A 368 4.22 21.71 14.86
CA VAL A 368 2.95 21.85 14.16
C VAL A 368 3.25 21.85 12.67
N LEU A 369 2.22 21.94 11.84
CA LEU A 369 2.42 22.01 10.40
C LEU A 369 2.14 23.42 9.90
N PRO A 370 3.08 24.07 9.21
CA PRO A 370 2.75 25.35 8.58
C PRO A 370 1.75 25.14 7.46
N GLY A 371 0.94 26.17 7.22
CA GLY A 371 -0.15 26.05 6.27
C GLY A 371 0.25 26.08 4.82
N ARG A 372 1.51 26.40 4.54
CA ARG A 372 1.97 26.63 3.17
C ARG A 372 1.56 25.49 2.25
N TYR A 373 1.87 24.26 2.62
CA TYR A 373 1.67 23.18 1.67
C TYR A 373 0.21 22.78 1.51
N PHE A 374 -0.68 23.17 2.43
CA PHE A 374 -2.11 22.90 2.23
C PHE A 374 -2.67 23.73 1.08
N TYR A 375 -2.06 24.88 0.79
CA TYR A 375 -2.42 25.68 -0.38
C TYR A 375 -1.46 25.30 -1.49
N TRP A 376 -1.71 24.11 -2.05
CA TRP A 376 -0.76 23.44 -2.92
C TRP A 376 -0.57 24.16 -4.26
N SER A 377 -1.53 24.97 -4.69
CA SER A 377 -1.37 25.70 -5.94
C SER A 377 -0.68 27.04 -5.75
N GLU A 378 -0.71 27.60 -4.54
CA GLU A 378 -0.06 28.87 -4.24
C GLU A 378 0.31 28.86 -2.76
N PRO A 379 1.46 28.27 -2.41
CA PRO A 379 1.77 28.06 -1.00
C PRO A 379 1.83 29.32 -0.17
N SER A 380 2.12 30.47 -0.78
CA SER A 380 2.15 31.73 -0.02
C SER A 380 0.83 32.00 0.68
N LYS A 381 -0.29 31.52 0.13
CA LYS A 381 -1.58 31.71 0.77
C LYS A 381 -1.65 30.97 2.10
N GLY A 382 -0.90 29.89 2.25
CA GLY A 382 -0.88 29.15 3.49
C GLY A 382 0.00 29.74 4.57
N ASP A 383 0.77 30.79 4.28
CA ASP A 383 1.64 31.39 5.28
C ASP A 383 0.88 32.08 6.39
N ALA A 384 -0.45 32.10 6.34
CA ALA A 384 -1.25 32.68 7.40
C ALA A 384 -1.92 31.63 8.27
N TYR A 385 -1.55 30.35 8.13
CA TYR A 385 -2.27 29.29 8.82
C TYR A 385 -1.33 28.25 9.41
N VAL A 386 -1.79 27.61 10.47
CA VAL A 386 -1.09 26.52 11.14
C VAL A 386 -2.09 25.41 11.43
N ARG A 387 -1.67 24.15 11.27
CA ARG A 387 -2.51 23.02 11.62
C ARG A 387 -1.90 22.26 12.79
N MET A 388 -2.76 21.84 13.72
CA MET A 388 -2.36 21.04 14.87
C MET A 388 -3.14 19.74 14.87
N ALA A 389 -2.47 18.63 15.13
CA ALA A 389 -3.13 17.33 15.21
C ALA A 389 -3.72 17.13 16.60
N LEU A 390 -4.94 16.58 16.66
CA LEU A 390 -5.64 16.39 17.92
C LEU A 390 -5.73 14.95 18.37
N ALA A 391 -5.37 13.99 17.52
CA ALA A 391 -5.47 12.56 17.86
C ALA A 391 -4.23 12.18 18.67
N ARG A 392 -4.25 12.58 19.95
CA ARG A 392 -3.09 12.53 20.82
C ARG A 392 -3.54 12.22 22.25
N GLU A 393 -2.62 11.68 23.02
CA GLU A 393 -2.88 11.50 24.44
C GLU A 393 -3.14 12.86 25.09
N PRO A 394 -4.23 13.01 25.83
CA PRO A 394 -4.54 14.34 26.39
C PRO A 394 -3.46 14.90 27.31
N GLU A 395 -2.76 14.07 28.08
CA GLU A 395 -1.74 14.60 28.97
C GLU A 395 -0.59 15.20 28.17
N MET A 396 -0.09 14.47 27.17
CA MET A 396 0.95 15.02 26.30
C MET A 396 0.45 16.28 25.61
N PHE A 397 -0.81 16.26 25.15
CA PHE A 397 -1.33 17.40 24.40
C PHE A 397 -1.44 18.63 25.30
N ALA A 398 -1.88 18.45 26.54
CA ALA A 398 -2.00 19.59 27.46
C ALA A 398 -0.64 20.19 27.76
N ASP A 399 0.38 19.34 27.91
CA ASP A 399 1.73 19.86 28.12
C ASP A 399 2.23 20.61 26.90
N ALA A 400 1.93 20.10 25.70
CA ALA A 400 2.30 20.80 24.47
C ALA A 400 1.62 22.16 24.40
N MET A 401 0.37 22.24 24.84
CA MET A 401 -0.36 23.51 24.79
C MET A 401 0.22 24.52 25.75
N ALA A 402 0.65 24.07 26.94
CA ALA A 402 1.27 24.98 27.88
C ALA A 402 2.58 25.52 27.35
N LEU A 403 3.39 24.66 26.74
CA LEU A 403 4.64 25.11 26.13
C LEU A 403 4.36 26.05 24.96
N THR A 404 3.34 25.73 24.15
CA THR A 404 2.97 26.59 23.03
C THR A 404 2.60 27.98 23.51
N ARG A 405 1.76 28.05 24.54
CA ARG A 405 1.35 29.35 25.08
C ARG A 405 2.56 30.11 25.62
N GLN A 406 3.50 29.42 26.25
CA GLN A 406 4.68 30.08 26.79
C GLN A 406 5.53 30.70 25.69
N VAL A 407 5.62 30.04 24.54
CA VAL A 407 6.42 30.57 23.43
C VAL A 407 5.73 31.79 22.83
N LEU A 408 4.43 31.68 22.58
CA LEU A 408 3.70 32.78 21.96
C LEU A 408 3.61 33.99 22.88
N ASP A 409 3.64 33.76 24.20
CA ASP A 409 3.61 34.86 25.15
C ASP A 409 4.86 35.74 25.07
N ARG A 410 5.86 35.35 24.30
CA ARG A 410 7.07 36.13 24.14
C ARG A 410 7.07 36.99 22.88
N HIS A 411 6.01 36.92 22.08
CA HIS A 411 5.88 37.74 20.88
C HIS A 411 4.47 38.35 20.79
N ASP B 35 -4.36 -11.24 -15.72
CA ASP B 35 -5.22 -11.20 -14.54
C ASP B 35 -4.91 -12.34 -13.56
N LEU B 36 -3.65 -12.42 -13.13
CA LEU B 36 -3.27 -13.40 -12.12
C LEU B 36 -4.07 -13.22 -10.85
N THR B 37 -4.06 -12.00 -10.32
CA THR B 37 -4.71 -11.70 -9.05
C THR B 37 -6.17 -12.15 -9.07
N GLN B 38 -6.85 -11.97 -10.20
CA GLN B 38 -8.25 -12.37 -10.28
C GLN B 38 -8.41 -13.88 -10.29
N HIS B 39 -7.47 -14.59 -10.93
CA HIS B 39 -7.46 -16.05 -10.79
C HIS B 39 -7.14 -16.47 -9.37
N GLU B 40 -6.32 -15.68 -8.67
CA GLU B 40 -6.02 -15.98 -7.27
C GLU B 40 -7.17 -15.60 -6.34
N ILE B 41 -7.97 -14.58 -6.71
CA ILE B 41 -9.13 -14.24 -5.91
C ILE B 41 -10.13 -15.40 -5.88
N GLN B 42 -10.35 -16.05 -7.04
CA GLN B 42 -11.25 -17.19 -7.08
C GLN B 42 -10.71 -18.37 -6.27
N ALA B 43 -9.41 -18.64 -6.39
CA ALA B 43 -8.82 -19.77 -5.67
C ALA B 43 -8.88 -19.58 -4.17
N LEU B 44 -8.79 -18.33 -3.69
CA LEU B 44 -8.83 -18.06 -2.25
C LEU B 44 -10.12 -18.56 -1.60
N THR B 45 -11.16 -18.81 -2.38
CA THR B 45 -12.41 -19.37 -1.88
C THR B 45 -12.48 -20.87 -2.04
N MET B 46 -11.54 -21.47 -2.76
CA MET B 46 -11.72 -22.78 -3.35
C MET B 46 -11.20 -23.89 -2.43
N LYS B 47 -11.40 -25.13 -2.89
CA LYS B 47 -11.00 -26.32 -2.15
C LYS B 47 -9.49 -26.34 -1.90
N TYR B 48 -8.72 -26.60 -2.94
CA TYR B 48 -7.27 -26.65 -2.86
C TYR B 48 -6.73 -25.48 -3.68
N ASN B 49 -6.45 -24.38 -3.01
CA ASN B 49 -5.87 -23.20 -3.64
C ASN B 49 -4.37 -23.41 -3.75
N LEU B 50 -3.89 -23.73 -4.95
CA LEU B 50 -2.46 -23.77 -5.25
C LEU B 50 -2.10 -22.66 -6.24
N ALA B 51 -2.85 -21.56 -6.21
CA ALA B 51 -2.72 -20.50 -7.20
C ALA B 51 -1.80 -19.40 -6.69
N ASP B 52 -2.26 -18.60 -5.72
CA ASP B 52 -1.44 -17.47 -5.33
C ASP B 52 -0.26 -17.92 -4.48
N ALA B 53 0.86 -17.24 -4.65
CA ALA B 53 2.08 -17.63 -3.97
C ALA B 53 2.15 -17.12 -2.54
N HIS B 54 1.13 -16.37 -2.09
CA HIS B 54 1.08 -15.89 -0.72
C HIS B 54 1.19 -17.06 0.25
N THR B 55 1.75 -16.78 1.42
CA THR B 55 2.04 -17.82 2.40
C THR B 55 0.75 -18.23 3.13
N HIS B 56 0.42 -19.53 3.11
CA HIS B 56 -0.72 -20.04 3.86
C HIS B 56 -0.37 -21.23 4.75
N GLN B 57 0.90 -21.55 4.90
CA GLN B 57 1.28 -22.50 5.94
C GLN B 57 1.03 -21.92 7.32
N ARG B 58 0.88 -22.81 8.30
CA ARG B 58 0.63 -22.39 9.66
C ARG B 58 1.95 -22.03 10.36
N GLN B 59 1.82 -21.54 11.58
CA GLN B 59 2.95 -21.05 12.36
C GLN B 59 3.76 -22.22 12.93
N SER B 60 5.08 -22.12 12.83
CA SER B 60 5.97 -23.01 13.54
C SER B 60 5.82 -22.84 15.05
N ALA B 61 6.41 -23.77 15.80
CA ALA B 61 6.35 -23.69 17.25
C ALA B 61 6.87 -22.35 17.76
N SER B 62 8.01 -21.91 17.23
CA SER B 62 8.56 -20.65 17.69
C SER B 62 7.81 -19.44 17.13
N GLN B 63 7.24 -19.56 15.93
CA GLN B 63 6.41 -18.47 15.41
C GLN B 63 5.15 -18.31 16.23
N GLN B 64 4.61 -19.41 16.77
CA GLN B 64 3.48 -19.30 17.68
C GLN B 64 3.81 -18.45 18.90
N SER B 65 5.08 -18.47 19.34
CA SER B 65 5.46 -17.60 20.45
C SER B 65 5.44 -16.12 20.05
N ILE B 66 5.64 -15.80 18.76
CA ILE B 66 5.46 -14.43 18.31
C ILE B 66 3.98 -14.05 18.37
N VAL B 67 3.13 -14.89 17.77
CA VAL B 67 1.69 -14.63 17.77
C VAL B 67 1.19 -14.41 19.18
N SER B 68 1.67 -15.23 20.13
CA SER B 68 1.21 -15.11 21.51
C SER B 68 1.60 -13.78 22.13
N ARG B 69 2.64 -13.13 21.62
CA ARG B 69 3.10 -11.86 22.16
C ARG B 69 2.64 -10.66 21.36
N LEU B 70 1.68 -10.84 20.44
CA LEU B 70 1.16 -9.68 19.72
C LEU B 70 0.68 -8.56 20.63
N PRO B 71 0.01 -8.81 21.77
CA PRO B 71 -0.34 -7.68 22.66
C PRO B 71 0.88 -6.89 23.12
N GLN B 72 1.93 -7.59 23.57
CA GLN B 72 3.17 -6.91 23.96
C GLN B 72 3.75 -6.11 22.80
N LEU B 73 3.80 -6.71 21.60
CA LEU B 73 4.36 -6.03 20.44
C LEU B 73 3.55 -4.79 20.09
N TRP B 74 2.24 -4.85 20.30
CA TRP B 74 1.38 -3.70 20.08
C TRP B 74 1.75 -2.55 21.02
N TYR B 75 1.83 -2.82 22.32
CA TYR B 75 2.11 -1.75 23.26
C TYR B 75 3.50 -1.16 23.07
N GLU B 76 4.48 -2.01 22.71
CA GLU B 76 5.82 -1.52 22.41
C GLU B 76 5.79 -0.48 21.31
N ALA B 77 5.11 -0.80 20.20
CA ALA B 77 5.06 0.11 19.06
C ALA B 77 4.29 1.37 19.40
N GLU B 78 3.33 1.27 20.31
CA GLU B 78 2.53 2.42 20.69
C GLU B 78 3.35 3.44 21.45
N GLU B 79 4.26 2.95 22.29
CA GLU B 79 5.03 3.81 23.18
C GLU B 79 6.35 4.24 22.55
N GLY B 80 6.90 3.46 21.62
CA GLY B 80 8.19 3.75 21.06
C GLY B 80 8.10 4.71 19.88
N LEU B 81 9.27 5.06 19.35
CA LEU B 81 9.35 5.97 18.21
C LEU B 81 9.23 5.19 16.91
N GLN B 82 8.50 5.78 15.94
CA GLN B 82 8.39 5.16 14.63
C GLN B 82 9.76 4.80 14.05
N ALA B 83 10.72 5.73 14.15
CA ALA B 83 12.03 5.51 13.54
C ALA B 83 12.76 4.34 14.18
N THR B 84 12.49 4.07 15.46
CA THR B 84 13.09 2.93 16.12
C THR B 84 12.67 1.62 15.45
N TYR B 85 11.37 1.49 15.18
CA TYR B 85 10.87 0.25 14.60
C TYR B 85 11.27 0.12 13.14
N GLU B 86 11.39 1.24 12.43
CA GLU B 86 11.93 1.21 11.08
C GLU B 86 13.39 0.75 11.09
N LYS B 87 14.19 1.31 12.00
CA LYS B 87 15.61 1.00 12.04
C LYS B 87 15.83 -0.47 12.42
N ARG B 88 15.12 -0.94 13.44
CA ARG B 88 15.32 -2.31 13.90
C ARG B 88 14.84 -3.32 12.86
N PHE B 89 13.76 -3.02 12.13
CA PHE B 89 13.33 -3.92 11.07
C PHE B 89 14.35 -3.95 9.93
N THR B 90 14.80 -2.78 9.51
CA THR B 90 15.75 -2.71 8.39
C THR B 90 17.05 -3.42 8.74
N GLU B 91 17.52 -3.24 9.98
CA GLU B 91 18.74 -3.90 10.43
C GLU B 91 18.57 -5.40 10.46
N ALA B 92 17.48 -5.89 11.06
CA ALA B 92 17.26 -7.33 11.10
C ALA B 92 17.19 -7.92 9.71
N PHE B 93 16.46 -7.24 8.81
CA PHE B 93 16.25 -7.74 7.46
C PHE B 93 17.57 -7.85 6.71
N PHE B 94 18.35 -6.77 6.66
CA PHE B 94 19.59 -6.82 5.89
C PHE B 94 20.72 -7.55 6.62
N GLN B 95 20.59 -7.79 7.93
CA GLN B 95 21.50 -8.73 8.58
C GLN B 95 21.21 -10.15 8.16
N LEU B 96 19.92 -10.54 8.13
CA LEU B 96 19.57 -11.89 7.71
C LEU B 96 19.98 -12.12 6.26
N HIS B 97 19.74 -11.12 5.40
CA HIS B 97 20.05 -11.24 3.99
C HIS B 97 21.52 -10.97 3.67
N ARG B 98 22.33 -10.60 4.67
CA ARG B 98 23.77 -10.38 4.52
C ARG B 98 24.06 -9.31 3.46
N GLN B 99 23.40 -8.17 3.60
CA GLN B 99 23.58 -6.99 2.75
C GLN B 99 24.11 -5.83 3.58
N PRO B 100 25.33 -5.92 4.13
CA PRO B 100 25.77 -4.85 5.04
C PRO B 100 25.91 -3.49 4.38
N THR B 101 26.19 -3.43 3.07
CA THR B 101 26.32 -2.14 2.42
C THR B 101 25.01 -1.35 2.49
N ALA B 102 23.88 -2.04 2.42
CA ALA B 102 22.60 -1.36 2.51
C ALA B 102 22.43 -0.69 3.86
N LEU B 103 22.95 -1.30 4.92
CA LEU B 103 22.83 -0.68 6.23
C LEU B 103 23.81 0.48 6.40
N VAL B 104 24.99 0.42 5.77
CA VAL B 104 25.90 1.56 5.83
C VAL B 104 25.30 2.76 5.11
N LYS B 105 24.76 2.55 3.90
CA LYS B 105 24.17 3.65 3.15
C LYS B 105 22.95 4.22 3.85
N ASN B 106 22.16 3.37 4.51
CA ASN B 106 21.00 3.80 5.31
C ASN B 106 20.09 4.76 4.55
N LYS B 107 19.64 4.34 3.35
CA LYS B 107 18.78 5.16 2.50
C LYS B 107 17.58 4.37 2.00
N THR B 108 17.27 3.24 2.62
CA THR B 108 16.18 2.39 2.17
C THR B 108 14.84 2.88 2.72
N MET B 109 13.79 2.80 1.89
CA MET B 109 12.46 3.27 2.27
CA MET B 109 12.46 3.27 2.27
C MET B 109 11.48 2.10 2.31
N LEU B 110 10.57 2.14 3.28
CA LEU B 110 9.67 1.04 3.57
C LEU B 110 8.25 1.35 3.09
N SER B 111 7.58 0.35 2.52
CA SER B 111 6.20 0.51 2.08
C SER B 111 5.37 -0.72 2.43
N TYR B 112 4.06 -0.62 2.17
CA TYR B 112 3.13 -1.67 2.57
C TYR B 112 3.36 -3.00 1.86
N ALA B 113 3.95 -2.98 0.65
CA ALA B 113 4.01 -4.18 -0.18
C ALA B 113 4.91 -3.93 -1.37
N ALA B 114 5.46 -5.01 -1.93
CA ALA B 114 6.37 -4.88 -3.06
C ALA B 114 5.72 -4.19 -4.26
N SER B 115 4.42 -4.39 -4.48
CA SER B 115 3.74 -3.70 -5.57
C SER B 115 3.70 -2.20 -5.34
N ILE B 116 3.66 -1.76 -4.09
CA ILE B 116 3.68 -0.32 -3.80
C ILE B 116 5.06 0.25 -4.11
N SER B 117 6.11 -0.42 -3.67
CA SER B 117 7.47 -0.03 -4.06
C SER B 117 7.60 0.01 -5.57
N THR B 118 6.98 -0.96 -6.27
CA THR B 118 7.03 -1.00 -7.72
C THR B 118 6.32 0.20 -8.32
N MET B 119 5.20 0.62 -7.73
CA MET B 119 4.52 1.83 -8.22
C MET B 119 5.37 3.08 -8.02
N VAL B 120 6.14 3.17 -6.92
CA VAL B 120 7.09 4.27 -6.79
C VAL B 120 8.11 4.23 -7.92
N ALA B 121 8.67 3.04 -8.22
CA ALA B 121 9.56 2.91 -9.36
C ALA B 121 8.86 3.29 -10.66
N GLY B 122 7.59 2.90 -10.80
CA GLY B 122 6.81 3.27 -11.97
C GLY B 122 6.66 4.77 -12.12
N MET B 123 6.45 5.48 -11.00
CA MET B 123 6.36 6.93 -11.08
C MET B 123 7.68 7.54 -11.55
N PHE B 124 8.82 6.97 -11.12
CA PHE B 124 10.11 7.46 -11.58
C PHE B 124 10.29 7.20 -13.06
N LEU B 125 9.97 5.98 -13.49
CA LEU B 125 10.08 5.64 -14.91
C LEU B 125 9.22 6.56 -15.76
N LYS B 126 8.01 6.88 -15.30
CA LYS B 126 7.14 7.74 -16.07
C LYS B 126 7.67 9.17 -16.09
N LYS B 127 8.15 9.68 -14.96
CA LYS B 127 8.70 11.04 -14.94
C LYS B 127 9.89 11.18 -15.89
N GLU B 128 10.72 10.14 -15.98
CA GLU B 128 11.87 10.16 -16.89
C GLU B 128 11.51 9.73 -18.31
N ARG B 129 10.27 9.30 -18.53
CA ARG B 129 9.75 8.95 -19.87
C ARG B 129 10.56 7.83 -20.51
N LEU B 130 10.93 6.85 -19.69
CA LEU B 130 11.79 5.75 -20.09
C LEU B 130 10.96 4.54 -20.49
N ALA B 131 11.44 3.81 -21.49
CA ALA B 131 10.91 2.48 -21.77
C ALA B 131 11.71 1.42 -21.03
N VAL B 132 11.05 0.33 -20.69
CA VAL B 132 11.63 -0.73 -19.86
C VAL B 132 11.72 -2.01 -20.68
N THR B 133 12.87 -2.67 -20.61
CA THR B 133 13.00 -4.04 -21.05
C THR B 133 12.86 -4.91 -19.81
N LEU B 134 11.82 -5.75 -19.81
CA LEU B 134 11.40 -6.49 -18.62
C LEU B 134 11.58 -7.98 -18.87
N ILE B 135 12.08 -8.69 -17.85
CA ILE B 135 12.24 -10.13 -17.94
C ILE B 135 10.92 -10.82 -18.31
N GLU B 136 11.01 -11.86 -19.13
CA GLU B 136 9.88 -12.73 -19.44
C GLU B 136 10.39 -14.16 -19.44
N PRO B 137 9.65 -15.10 -18.82
CA PRO B 137 8.40 -14.90 -18.09
C PRO B 137 8.64 -14.20 -16.78
N CYS B 138 7.57 -13.63 -16.24
CA CYS B 138 7.58 -13.13 -14.87
C CYS B 138 6.14 -12.99 -14.44
N PHE B 139 5.93 -12.96 -13.13
CA PHE B 139 4.57 -12.80 -12.62
C PHE B 139 3.95 -11.55 -13.25
N ASP B 140 2.73 -11.71 -13.79
CA ASP B 140 2.15 -10.69 -14.66
C ASP B 140 1.79 -9.41 -13.94
N ASN B 141 1.62 -9.45 -12.62
CA ASN B 141 1.22 -8.21 -11.98
C ASN B 141 2.32 -7.15 -12.06
N LEU B 142 3.58 -7.56 -12.22
CA LEU B 142 4.63 -6.59 -12.47
C LEU B 142 4.41 -5.87 -13.79
N TYR B 143 4.13 -6.64 -14.85
CA TYR B 143 3.74 -6.03 -16.12
C TYR B 143 2.50 -5.16 -15.96
N ASP B 144 1.46 -5.69 -15.31
CA ASP B 144 0.19 -4.97 -15.23
C ASP B 144 0.35 -3.65 -14.49
N VAL B 145 1.08 -3.65 -13.36
CA VAL B 145 1.20 -2.39 -12.64
C VAL B 145 1.98 -1.38 -13.45
N LEU B 146 3.07 -1.79 -14.10
CA LEU B 146 3.85 -0.84 -14.89
C LEU B 146 3.06 -0.36 -16.11
N ALA B 147 2.36 -1.27 -16.77
CA ALA B 147 1.53 -0.87 -17.90
C ALA B 147 0.45 0.10 -17.44
N ASN B 148 -0.15 -0.17 -16.28
CA ASN B 148 -1.21 0.71 -15.80
C ASN B 148 -0.70 2.09 -15.44
N MET B 149 0.61 2.27 -15.21
CA MET B 149 1.20 3.59 -15.12
CA MET B 149 1.18 3.61 -15.14
C MET B 149 1.79 4.04 -16.46
N ASP B 150 1.41 3.37 -17.56
CA ASP B 150 1.76 3.76 -18.93
C ASP B 150 3.28 3.76 -19.16
N VAL B 151 3.98 2.83 -18.52
CA VAL B 151 5.38 2.57 -18.81
C VAL B 151 5.48 1.64 -20.01
N PRO B 152 6.19 1.99 -21.08
CA PRO B 152 6.37 1.08 -22.20
C PRO B 152 7.21 -0.12 -21.80
N LEU B 153 6.81 -1.31 -22.25
CA LEU B 153 7.43 -2.54 -21.81
C LEU B 153 7.77 -3.44 -22.99
N TYR B 154 9.00 -3.96 -23.00
CA TYR B 154 9.49 -4.83 -24.05
C TYR B 154 10.11 -6.05 -23.38
N PRO B 155 9.81 -7.26 -23.87
CA PRO B 155 10.31 -8.46 -23.18
C PRO B 155 11.76 -8.78 -23.51
N ILE B 156 12.42 -9.40 -22.53
CA ILE B 156 13.68 -10.11 -22.78
C ILE B 156 13.58 -11.48 -22.13
N ASP B 157 13.86 -12.53 -22.90
CA ASP B 157 13.64 -13.88 -22.38
C ASP B 157 14.70 -14.24 -21.35
N GLU B 158 14.26 -14.98 -20.33
CA GLU B 158 15.16 -15.44 -19.28
C GLU B 158 16.39 -16.15 -19.81
N SER B 159 16.27 -16.83 -20.96
CA SER B 159 17.36 -17.64 -21.47
C SER B 159 18.59 -16.81 -21.83
N VAL B 160 18.45 -15.50 -21.99
CA VAL B 160 19.63 -14.68 -22.25
C VAL B 160 20.60 -14.70 -21.08
N PHE B 161 20.16 -15.19 -19.91
CA PHE B 161 21.00 -15.20 -18.72
C PHE B 161 21.56 -16.57 -18.42
N TYR B 162 21.28 -17.58 -19.25
CA TYR B 162 21.69 -18.94 -18.90
C TYR B 162 23.18 -19.17 -19.07
N ASP B 163 23.82 -18.52 -20.05
CA ASP B 163 25.24 -18.69 -20.36
C ASP B 163 25.95 -17.41 -19.93
N VAL B 164 26.80 -17.52 -18.89
CA VAL B 164 27.36 -16.31 -18.30
C VAL B 164 28.21 -15.53 -19.30
N ASP B 165 28.86 -16.22 -20.25
CA ASP B 165 29.74 -15.52 -21.18
C ASP B 165 29.00 -14.90 -22.35
N ARG B 166 27.70 -15.14 -22.47
CA ARG B 166 26.88 -14.52 -23.50
C ARG B 166 25.96 -13.44 -22.97
N ILE B 167 25.92 -13.22 -21.65
CA ILE B 167 25.00 -12.24 -21.09
C ILE B 167 25.24 -10.87 -21.70
N TYR B 168 26.48 -10.40 -21.67
CA TYR B 168 26.73 -9.03 -22.11
C TYR B 168 26.41 -8.83 -23.59
N PRO B 169 26.88 -9.67 -24.53
CA PRO B 169 26.48 -9.46 -25.93
C PRO B 169 24.99 -9.64 -26.17
N GLU B 170 24.31 -10.51 -25.43
CA GLU B 170 22.87 -10.64 -25.59
C GLU B 170 22.16 -9.37 -25.14
N LEU B 171 22.59 -8.79 -24.01
CA LEU B 171 22.00 -7.52 -23.59
C LEU B 171 22.30 -6.41 -24.59
N GLU B 172 23.53 -6.37 -25.13
CA GLU B 172 23.85 -5.33 -26.09
C GLU B 172 22.92 -5.41 -27.31
N ARG B 173 22.60 -6.63 -27.73
CA ARG B 173 21.67 -6.78 -28.85
C ARG B 173 20.25 -6.39 -28.45
N ARG B 174 19.80 -6.85 -27.28
CA ARG B 174 18.36 -6.92 -27.02
C ARG B 174 17.84 -5.82 -26.13
N VAL B 175 18.68 -5.15 -25.35
CA VAL B 175 18.23 -4.09 -24.45
C VAL B 175 18.40 -2.78 -25.22
N ARG B 176 17.34 -2.35 -25.89
CA ARG B 176 17.35 -1.14 -26.69
C ARG B 176 16.42 -0.08 -26.12
N THR B 177 16.25 -0.10 -24.80
CA THR B 177 15.53 0.88 -24.01
C THR B 177 16.47 1.44 -22.96
N ASP B 178 16.00 2.46 -22.23
CA ASP B 178 16.88 3.07 -21.24
C ASP B 178 16.85 2.39 -19.89
N ALA B 179 15.95 1.42 -19.67
CA ALA B 179 15.83 0.75 -18.39
C ALA B 179 15.69 -0.76 -18.62
N LEU B 180 16.25 -1.52 -17.67
CA LEU B 180 16.20 -2.98 -17.66
C LEU B 180 15.68 -3.41 -16.31
N PHE B 181 14.63 -4.25 -16.30
CA PHE B 181 13.95 -4.65 -15.07
C PHE B 181 14.04 -6.16 -14.95
N LEU B 182 14.74 -6.64 -13.93
CA LEU B 182 14.93 -8.05 -13.69
C LEU B 182 14.22 -8.49 -12.41
N VAL B 183 13.93 -9.78 -12.33
CA VAL B 183 13.33 -10.38 -11.13
C VAL B 183 14.24 -11.56 -10.78
N ASP B 184 14.92 -11.48 -9.63
CA ASP B 184 15.95 -12.49 -9.36
C ASP B 184 15.98 -12.80 -7.86
N PRO B 185 15.71 -14.06 -7.45
CA PRO B 185 15.33 -15.19 -8.30
C PRO B 185 13.99 -14.96 -8.99
N ASN B 186 13.80 -15.55 -10.15
CA ASN B 186 12.62 -15.25 -10.94
C ASN B 186 11.40 -16.00 -10.45
N ASN B 187 10.26 -15.33 -10.55
CA ASN B 187 8.95 -15.91 -10.32
C ASN B 187 8.35 -15.97 -11.71
N PRO B 188 8.06 -17.15 -12.28
CA PRO B 188 7.78 -18.45 -11.66
C PRO B 188 8.89 -19.51 -11.71
N THR B 189 10.00 -19.23 -12.40
CA THR B 189 10.92 -20.31 -12.74
C THR B 189 11.93 -20.62 -11.64
N GLY B 190 12.12 -19.72 -10.68
CA GLY B 190 13.20 -19.91 -9.74
C GLY B 190 14.58 -19.72 -10.31
N PHE B 191 14.69 -19.22 -11.54
CA PHE B 191 16.01 -18.97 -12.10
C PHE B 191 16.73 -17.88 -11.31
N SER B 192 18.04 -17.99 -11.21
CA SER B 192 18.79 -16.90 -10.63
C SER B 192 20.15 -16.77 -11.26
N LEU B 193 20.58 -15.53 -11.47
CA LEU B 193 21.94 -15.24 -11.88
C LEU B 193 22.98 -15.77 -10.89
N LEU B 194 22.56 -16.09 -9.66
CA LEU B 194 23.49 -16.63 -8.68
C LEU B 194 23.99 -18.02 -9.04
N ARG B 195 23.38 -18.70 -10.01
CA ARG B 195 24.00 -19.92 -10.53
C ARG B 195 25.39 -19.64 -11.08
N HIS B 196 25.67 -18.39 -11.43
CA HIS B 196 26.98 -17.98 -11.94
C HIS B 196 27.87 -17.37 -10.86
N GLY B 197 27.54 -17.56 -9.58
CA GLY B 197 28.32 -16.91 -8.53
C GLY B 197 28.04 -15.42 -8.53
N ARG B 198 29.11 -14.63 -8.51
CA ARG B 198 28.97 -13.19 -8.66
C ARG B 198 28.88 -12.74 -10.11
N LYS B 199 29.35 -13.57 -11.04
CA LYS B 199 29.69 -13.08 -12.37
C LYS B 199 28.47 -12.73 -13.22
N GLY B 200 27.34 -13.42 -13.00
CA GLY B 200 26.13 -13.11 -13.74
C GLY B 200 25.65 -11.70 -13.47
N PHE B 201 25.46 -11.39 -12.19
CA PHE B 201 25.08 -10.03 -11.82
C PHE B 201 26.16 -9.03 -12.23
N GLU B 202 27.44 -9.39 -12.10
CA GLU B 202 28.48 -8.43 -12.47
C GLU B 202 28.42 -8.10 -13.96
N GLU B 203 28.08 -9.08 -14.79
CA GLU B 203 27.95 -8.80 -16.23
C GLU B 203 26.74 -7.92 -16.53
N VAL B 204 25.61 -8.14 -15.84
CA VAL B 204 24.44 -7.28 -16.03
C VAL B 204 24.78 -5.85 -15.62
N VAL B 205 25.41 -5.71 -14.46
CA VAL B 205 25.73 -4.38 -13.95
C VAL B 205 26.76 -3.69 -14.86
N ARG B 206 27.76 -4.45 -15.33
CA ARG B 206 28.71 -3.92 -16.30
C ARG B 206 28.00 -3.37 -17.54
N PHE B 207 27.05 -4.13 -18.07
CA PHE B 207 26.32 -3.68 -19.25
C PHE B 207 25.54 -2.40 -18.95
N CYS B 208 24.82 -2.37 -17.84
CA CYS B 208 23.98 -1.20 -17.56
C CYS B 208 24.82 0.03 -17.29
N LYS B 209 25.94 -0.12 -16.58
CA LYS B 209 26.84 1.02 -16.37
C LYS B 209 27.42 1.50 -17.68
N ASP B 210 27.93 0.57 -18.50
CA ASP B 210 28.58 0.93 -19.76
C ASP B 210 27.64 1.68 -20.68
N HIS B 211 26.36 1.30 -20.67
CA HIS B 211 25.41 1.79 -21.66
C HIS B 211 24.35 2.68 -21.06
N ASP B 212 24.59 3.19 -19.86
CA ASP B 212 23.73 4.18 -19.22
C ASP B 212 22.28 3.69 -19.16
N LYS B 213 22.11 2.49 -18.62
CA LYS B 213 20.79 1.90 -18.38
C LYS B 213 20.47 1.97 -16.90
N LEU B 214 19.23 2.34 -16.60
CA LEU B 214 18.71 2.21 -15.25
C LEU B 214 18.40 0.73 -15.01
N LEU B 215 18.95 0.18 -13.93
CA LEU B 215 18.77 -1.23 -13.60
C LEU B 215 17.79 -1.35 -12.43
N LEU B 216 16.64 -1.98 -12.67
CA LEU B 216 15.69 -2.25 -11.61
C LEU B 216 15.69 -3.75 -11.32
N ILE B 217 15.71 -4.12 -10.05
CA ILE B 217 15.74 -5.53 -9.70
C ILE B 217 14.76 -5.79 -8.58
N ASP B 218 13.89 -6.76 -8.78
CA ASP B 218 12.95 -7.25 -7.77
C ASP B 218 13.58 -8.48 -7.13
N PHE B 219 13.97 -8.34 -5.85
CA PHE B 219 14.62 -9.39 -5.06
C PHE B 219 13.65 -10.12 -4.14
N CYS B 220 12.35 -10.10 -4.43
CA CYS B 220 11.39 -10.61 -3.45
CA CYS B 220 11.36 -10.63 -3.48
C CYS B 220 11.61 -12.09 -3.14
N PHE B 221 12.18 -12.86 -4.07
CA PHE B 221 12.45 -14.28 -3.81
C PHE B 221 13.86 -14.55 -3.28
N ALA B 222 14.62 -13.50 -2.91
CA ALA B 222 16.02 -13.72 -2.56
C ALA B 222 16.20 -14.47 -1.24
N SER B 223 15.21 -14.44 -0.35
CA SER B 223 15.33 -15.17 0.90
C SER B 223 15.54 -16.66 0.66
N PHE B 224 15.01 -17.18 -0.46
CA PHE B 224 15.12 -18.61 -0.73
C PHE B 224 16.52 -19.00 -1.15
N THR B 225 17.42 -18.04 -1.37
CA THR B 225 18.84 -18.37 -1.56
C THR B 225 19.61 -18.45 -0.26
N LEU B 226 19.09 -17.92 0.84
CA LEU B 226 19.91 -17.74 2.03
C LEU B 226 20.33 -19.08 2.62
N PHE B 227 21.57 -19.12 3.11
CA PHE B 227 22.21 -20.27 3.74
C PHE B 227 22.48 -21.41 2.76
N GLU B 228 22.20 -21.22 1.47
CA GLU B 228 22.59 -22.20 0.47
C GLU B 228 24.11 -22.17 0.29
N PRO B 229 24.78 -23.33 0.26
CA PRO B 229 26.26 -23.32 0.19
C PRO B 229 26.81 -22.67 -1.07
N GLU B 230 26.17 -22.84 -2.22
CA GLU B 230 26.66 -22.23 -3.45
C GLU B 230 25.85 -21.03 -3.90
N LEU B 231 24.58 -20.95 -3.54
CA LEU B 231 23.68 -19.97 -4.11
C LEU B 231 23.40 -18.77 -3.22
N ALA B 232 23.86 -18.76 -1.97
CA ALA B 232 23.50 -17.68 -1.06
C ALA B 232 23.90 -16.33 -1.65
N ARG B 233 22.95 -15.39 -1.66
CA ARG B 233 23.22 -14.10 -2.29
C ARG B 233 24.42 -13.42 -1.62
N PHE B 234 25.25 -12.80 -2.45
CA PHE B 234 26.32 -11.94 -1.97
C PHE B 234 25.73 -10.57 -1.68
N ASP B 235 26.55 -9.64 -1.19
CA ASP B 235 26.11 -8.26 -0.93
C ASP B 235 25.86 -7.57 -2.27
N MET B 236 24.60 -7.55 -2.70
CA MET B 236 24.25 -6.92 -3.97
CA MET B 236 24.28 -6.92 -3.97
C MET B 236 24.49 -5.42 -3.92
N TYR B 237 24.29 -4.80 -2.77
CA TYR B 237 24.38 -3.34 -2.69
C TYR B 237 25.82 -2.88 -2.78
N GLU B 238 26.78 -3.71 -2.36
CA GLU B 238 28.19 -3.39 -2.57
C GLU B 238 28.50 -3.27 -4.06
N LEU B 239 28.02 -4.23 -4.86
CA LEU B 239 28.21 -4.19 -6.31
C LEU B 239 27.48 -3.00 -6.94
N LEU B 240 26.22 -2.81 -6.58
CA LEU B 240 25.44 -1.71 -7.16
C LEU B 240 26.08 -0.36 -6.83
N GLU B 241 26.50 -0.16 -5.58
CA GLU B 241 27.13 1.11 -5.21
C GLU B 241 28.49 1.26 -5.86
N ASN B 242 29.33 0.22 -5.78
CA ASN B 242 30.68 0.35 -6.32
C ASN B 242 30.67 0.63 -7.81
N SER B 243 29.71 0.06 -8.54
CA SER B 243 29.73 0.24 -9.99
C SER B 243 29.30 1.63 -10.39
N GLY B 244 28.58 2.34 -9.52
CA GLY B 244 27.97 3.60 -9.87
C GLY B 244 26.79 3.52 -10.81
N VAL B 245 26.25 2.34 -11.04
CA VAL B 245 25.09 2.19 -11.91
C VAL B 245 23.88 2.88 -11.29
N ARG B 246 23.02 3.43 -12.15
CA ARG B 246 21.72 3.91 -11.70
CA ARG B 246 21.73 3.92 -11.69
C ARG B 246 20.82 2.72 -11.41
N TYR B 247 20.25 2.67 -10.22
CA TYR B 247 19.49 1.47 -9.88
C TYR B 247 18.32 1.75 -8.93
N LEU B 248 17.37 0.81 -8.97
CA LEU B 248 16.29 0.71 -8.00
C LEU B 248 16.17 -0.76 -7.63
N ALA B 249 16.22 -1.07 -6.34
CA ALA B 249 16.23 -2.45 -5.86
C ALA B 249 15.10 -2.63 -4.87
N ILE B 250 14.26 -3.65 -5.09
CA ILE B 250 13.08 -3.88 -4.27
C ILE B 250 13.26 -5.19 -3.52
N GLU B 251 13.01 -5.17 -2.21
CA GLU B 251 13.05 -6.36 -1.36
C GLU B 251 11.70 -6.54 -0.68
N ASP B 252 11.44 -7.75 -0.18
CA ASP B 252 10.11 -8.10 0.33
C ASP B 252 10.21 -9.04 1.52
N THR B 253 9.17 -9.02 2.34
CA THR B 253 8.94 -10.00 3.40
C THR B 253 7.76 -10.92 3.14
N GLY B 254 6.79 -10.48 2.35
CA GLY B 254 5.50 -11.13 2.29
C GLY B 254 5.49 -12.55 1.77
N THR B 256 7.99 -14.64 2.12
CA THR B 256 8.90 -15.48 2.88
C THR B 256 8.24 -16.05 4.13
N TRP B 257 7.55 -15.19 4.88
CA TRP B 257 7.04 -15.56 6.19
C TRP B 257 5.53 -15.68 6.17
N PRO B 258 4.95 -16.52 7.03
CA PRO B 258 3.49 -16.65 7.13
C PRO B 258 2.90 -15.55 8.01
N VAL B 259 2.90 -14.34 7.46
CA VAL B 259 2.47 -13.16 8.20
C VAL B 259 1.12 -12.66 7.71
N GLN B 260 0.38 -13.50 6.98
CA GLN B 260 -0.98 -13.17 6.54
C GLN B 260 -1.03 -11.82 5.83
N ASP B 261 -0.02 -11.54 5.02
CA ASP B 261 0.06 -10.32 4.22
C ASP B 261 0.11 -9.05 5.06
N ALA B 262 0.42 -9.18 6.36
CA ALA B 262 0.75 -8.01 7.19
C ALA B 262 2.25 -7.82 7.07
N LYS B 263 2.67 -7.03 6.09
CA LYS B 263 4.03 -7.19 5.56
C LYS B 263 4.65 -5.81 5.30
N CYS B 264 5.84 -5.85 4.70
CA CYS B 264 6.63 -4.66 4.44
C CYS B 264 7.56 -4.95 3.28
N ALA B 265 7.67 -4.00 2.36
CA ALA B 265 8.67 -4.06 1.30
C ALA B 265 9.64 -2.90 1.45
N LEU B 266 10.78 -3.04 0.79
CA LEU B 266 11.88 -2.09 0.89
C LEU B 266 12.32 -1.69 -0.51
N ILE B 267 12.62 -0.42 -0.71
CA ILE B 267 13.20 0.05 -1.97
C ILE B 267 14.44 0.88 -1.67
N THR B 268 15.48 0.70 -2.47
CA THR B 268 16.76 1.39 -2.36
C THR B 268 17.14 1.91 -3.74
N ALA B 269 17.56 3.18 -3.82
CA ALA B 269 17.90 3.82 -5.09
C ALA B 269 19.36 4.24 -5.07
N SER B 270 19.97 4.32 -6.25
CA SER B 270 21.32 4.88 -6.34
C SER B 270 21.33 6.33 -5.88
N ASP B 271 22.51 6.80 -5.45
CA ASP B 271 22.63 8.14 -4.87
C ASP B 271 22.16 9.22 -5.83
N ASP B 272 22.35 9.04 -7.14
CA ASP B 272 22.07 10.12 -8.08
C ASP B 272 20.57 10.37 -8.25
N ILE B 273 19.73 9.37 -7.95
CA ILE B 273 18.28 9.51 -8.06
C ILE B 273 17.59 9.41 -6.73
N TRP B 274 18.35 9.30 -5.64
CA TRP B 274 17.76 9.03 -4.32
C TRP B 274 16.78 10.12 -3.93
N GLU B 275 17.12 11.38 -4.16
CA GLU B 275 16.27 12.46 -3.69
C GLU B 275 14.94 12.49 -4.44
N THR B 276 15.00 12.34 -5.77
CA THR B 276 13.77 12.24 -6.55
C THR B 276 12.89 11.09 -6.06
N VAL B 277 13.49 9.92 -5.86
CA VAL B 277 12.72 8.76 -5.47
C VAL B 277 12.17 8.92 -4.06
N TYR B 278 12.97 9.53 -3.18
CA TYR B 278 12.50 9.82 -1.82
C TYR B 278 11.25 10.69 -1.87
N ASN B 279 11.28 11.75 -2.67
CA ASN B 279 10.13 12.64 -2.75
C ASN B 279 8.91 11.92 -3.33
N LEU B 280 9.11 11.06 -4.33
CA LEU B 280 7.99 10.25 -4.81
C LEU B 280 7.45 9.35 -3.71
N HIS B 281 8.35 8.74 -2.95
CA HIS B 281 7.94 7.78 -1.92
C HIS B 281 7.13 8.43 -0.82
N THR B 282 7.50 9.65 -0.40
CA THR B 282 6.78 10.30 0.69
C THR B 282 5.41 10.81 0.25
N SER B 283 5.16 10.94 -1.06
CA SER B 283 3.80 11.26 -1.49
C SER B 283 2.86 10.08 -1.33
N VAL B 284 3.40 8.86 -1.24
CA VAL B 284 2.58 7.66 -1.16
C VAL B 284 2.20 7.34 0.29
N LEU B 285 3.16 7.40 1.22
CA LEU B 285 2.86 7.06 2.60
C LEU B 285 3.85 7.75 3.51
N LEU B 286 3.40 7.98 4.74
CA LEU B 286 4.29 8.51 5.77
C LEU B 286 5.08 7.39 6.42
N ASN B 287 4.42 6.27 6.70
CA ASN B 287 5.05 5.22 7.49
C ASN B 287 4.30 3.91 7.30
N VAL B 288 5.03 2.81 7.47
CA VAL B 288 4.42 1.51 7.67
C VAL B 288 4.08 1.38 9.16
N SER B 289 3.02 0.65 9.47
CA SER B 289 2.60 0.42 10.85
C SER B 289 3.78 0.02 11.71
N PRO B 290 4.08 0.73 12.80
CA PRO B 290 5.19 0.27 13.66
C PRO B 290 4.87 -1.04 14.36
N PHE B 291 3.60 -1.36 14.57
CA PHE B 291 3.21 -2.66 15.10
C PHE B 291 3.57 -3.77 14.11
N VAL B 292 3.20 -3.60 12.85
CA VAL B 292 3.57 -4.59 11.83
C VAL B 292 5.09 -4.70 11.74
N LEU B 293 5.81 -3.58 11.73
CA LEU B 293 7.27 -3.65 11.66
C LEU B 293 7.84 -4.40 12.85
N ASN B 294 7.32 -4.13 14.05
CA ASN B 294 7.80 -4.81 15.25
C ASN B 294 7.56 -6.31 15.13
N MET B 295 6.35 -6.69 14.70
CA MET B 295 6.05 -8.10 14.50
CA MET B 295 6.02 -8.10 14.48
C MET B 295 6.95 -8.73 13.45
N LEU B 296 7.12 -8.07 12.29
CA LEU B 296 7.95 -8.64 11.24
C LEU B 296 9.38 -8.85 11.71
N THR B 297 9.90 -7.92 12.52
CA THR B 297 11.25 -8.03 13.05
C THR B 297 11.41 -9.32 13.84
N GLN B 298 10.37 -9.73 14.57
CA GLN B 298 10.46 -10.98 15.31
C GLN B 298 10.53 -12.19 14.38
N TYR B 299 9.81 -12.15 13.26
CA TYR B 299 9.88 -13.23 12.28
C TYR B 299 11.26 -13.31 11.67
N VAL B 300 11.85 -12.16 11.33
CA VAL B 300 13.18 -12.13 10.76
C VAL B 300 14.18 -12.71 11.75
N ARG B 301 14.12 -12.25 13.01
CA ARG B 301 15.05 -12.75 14.02
C ARG B 301 14.84 -14.24 14.28
N ASP B 302 13.59 -14.69 14.26
CA ASP B 302 13.30 -16.10 14.44
C ASP B 302 13.95 -16.93 13.36
N SER B 303 13.91 -16.43 12.12
CA SER B 303 14.45 -17.19 11.01
C SER B 303 15.97 -17.10 10.97
N ALA B 304 16.55 -16.02 11.48
CA ALA B 304 18.00 -16.01 11.68
C ALA B 304 18.39 -17.11 12.66
N ALA B 305 17.58 -17.31 13.70
CA ALA B 305 17.94 -18.28 14.72
C ALA B 305 17.88 -19.72 14.21
N ASP B 306 16.96 -20.04 13.28
CA ASP B 306 16.88 -21.41 12.78
C ASP B 306 17.38 -21.52 11.34
N ARG B 307 18.11 -20.52 10.86
CA ARG B 307 18.65 -20.53 9.50
C ARG B 307 17.57 -20.85 8.47
N LEU B 308 16.41 -20.22 8.66
CA LEU B 308 15.25 -20.30 7.77
C LEU B 308 14.67 -21.72 7.65
N ALA B 309 14.96 -22.60 8.62
CA ALA B 309 14.51 -23.98 8.52
C ALA B 309 12.98 -24.08 8.43
N SER B 310 12.25 -23.31 9.23
CA SER B 310 10.80 -23.46 9.23
C SER B 310 10.19 -23.01 7.90
N VAL B 311 10.86 -22.11 7.19
CA VAL B 311 10.44 -21.76 5.84
C VAL B 311 10.84 -22.83 4.84
N ARG B 312 12.13 -23.19 4.84
CA ARG B 312 12.68 -24.07 3.81
C ARG B 312 12.05 -25.47 3.88
N GLU B 313 11.84 -25.98 5.09
CA GLU B 313 11.40 -27.36 5.23
C GLU B 313 9.99 -27.57 4.71
N VAL B 314 9.11 -26.60 4.92
CA VAL B 314 7.75 -26.70 4.39
C VAL B 314 7.77 -26.71 2.87
N LEU B 315 8.55 -25.80 2.28
CA LEU B 315 8.63 -25.74 0.84
C LEU B 315 9.23 -27.02 0.26
N THR B 316 10.28 -27.55 0.91
CA THR B 316 10.93 -28.75 0.41
C THR B 316 9.98 -29.95 0.44
N ARG B 317 9.19 -30.07 1.51
CA ARG B 317 8.25 -31.17 1.61
C ARG B 317 7.23 -31.12 0.48
N ASN B 318 6.68 -29.93 0.20
CA ASN B 318 5.69 -29.80 -0.86
C ASN B 318 6.35 -29.93 -2.23
N ARG B 319 7.53 -29.36 -2.41
CA ARG B 319 8.24 -29.49 -3.69
C ARG B 319 8.51 -30.94 -4.00
N GLU B 320 9.01 -31.69 -3.02
CA GLU B 320 9.27 -33.11 -3.24
C GLU B 320 7.98 -33.87 -3.51
N CYS B 321 6.92 -33.55 -2.78
CA CYS B 321 5.63 -34.21 -3.02
C CYS B 321 5.14 -33.96 -4.43
N ALA B 322 5.22 -32.71 -4.89
CA ALA B 322 4.81 -32.41 -6.25
C ALA B 322 5.68 -33.14 -7.26
N ARG B 323 7.00 -33.10 -7.07
CA ARG B 323 7.91 -33.74 -8.02
C ARG B 323 7.61 -35.24 -8.12
N LYS B 324 7.52 -35.92 -6.97
CA LYS B 324 7.29 -37.35 -7.00
C LYS B 324 5.90 -37.69 -7.52
N THR B 325 4.89 -36.88 -7.16
CA THR B 325 3.52 -37.18 -7.57
C THR B 325 3.36 -37.06 -9.08
N LEU B 326 3.98 -36.05 -9.69
CA LEU B 326 3.73 -35.70 -11.07
C LEU B 326 4.79 -36.23 -12.02
N ASP B 327 5.80 -36.94 -11.50
CA ASP B 327 6.81 -37.57 -12.35
C ASP B 327 6.15 -38.50 -13.35
N GLY B 328 6.44 -38.29 -14.64
CA GLY B 328 5.86 -39.12 -15.68
C GLY B 328 4.49 -38.69 -16.17
N SER B 329 3.91 -37.63 -15.60
CA SER B 329 2.61 -37.14 -16.01
C SER B 329 2.77 -36.14 -17.15
N ILE B 330 1.64 -35.60 -17.61
CA ILE B 330 1.70 -34.54 -18.62
C ILE B 330 2.21 -33.22 -18.05
N LEU B 331 2.40 -33.11 -16.74
CA LEU B 331 3.03 -31.94 -16.15
C LEU B 331 4.47 -32.27 -15.85
N GLU B 332 5.38 -31.69 -16.62
CA GLU B 332 6.81 -31.98 -16.58
C GLU B 332 7.48 -30.96 -15.68
N TYR B 333 7.95 -31.42 -14.52
CA TYR B 333 8.58 -30.54 -13.54
C TYR B 333 9.81 -29.86 -14.12
N GLN B 334 9.90 -28.55 -13.93
CA GLN B 334 11.05 -27.75 -14.38
C GLN B 334 11.90 -27.44 -13.16
N GLU B 335 13.01 -28.16 -13.00
CA GLU B 335 13.82 -27.98 -11.81
C GLU B 335 14.32 -26.54 -11.74
N PRO B 336 14.12 -25.85 -10.61
CA PRO B 336 14.56 -24.46 -10.50
C PRO B 336 15.99 -24.34 -10.01
N VAL B 337 16.63 -23.22 -10.37
CA VAL B 337 17.95 -22.94 -9.81
C VAL B 337 17.84 -22.77 -8.30
N VAL B 338 16.84 -22.00 -7.87
CA VAL B 338 16.65 -21.66 -6.47
C VAL B 338 15.37 -22.32 -5.96
N LYS B 339 15.41 -22.81 -4.72
CA LYS B 339 14.27 -23.49 -4.10
C LYS B 339 13.24 -22.45 -3.63
N VAL B 340 12.58 -21.84 -4.62
CA VAL B 340 11.57 -20.82 -4.33
C VAL B 340 10.24 -21.45 -3.94
N SER B 341 9.27 -20.60 -3.61
CA SER B 341 8.00 -21.06 -3.07
C SER B 341 6.95 -21.41 -4.13
N VAL B 342 7.35 -21.54 -5.38
CA VAL B 342 6.43 -21.92 -6.44
C VAL B 342 7.11 -22.98 -7.28
N ALA B 343 6.31 -23.86 -7.87
CA ALA B 343 6.81 -24.88 -8.78
C ALA B 343 6.24 -24.64 -10.17
N TRP B 344 7.07 -24.91 -11.17
CA TRP B 344 6.81 -24.58 -12.56
C TRP B 344 6.87 -25.87 -13.37
N PHE B 345 5.87 -26.06 -14.23
CA PHE B 345 5.73 -27.29 -15.01
C PHE B 345 5.48 -26.95 -16.47
N ARG B 346 6.04 -27.75 -17.36
CA ARG B 346 5.73 -27.68 -18.77
C ARG B 346 4.66 -28.72 -19.09
N VAL B 347 3.70 -28.34 -19.93
CA VAL B 347 2.65 -29.26 -20.34
C VAL B 347 3.19 -30.11 -21.48
N ASP B 348 3.38 -31.40 -21.23
CA ASP B 348 3.93 -32.33 -22.22
C ASP B 348 2.78 -33.16 -22.77
N HIS B 349 2.09 -32.59 -23.76
CA HIS B 349 0.96 -33.24 -24.39
C HIS B 349 0.82 -32.71 -25.81
N PRO B 350 0.40 -33.55 -26.76
CA PRO B 350 0.30 -33.06 -28.15
C PRO B 350 -0.81 -32.06 -28.39
N GLU B 351 -1.86 -32.04 -27.56
CA GLU B 351 -2.97 -31.12 -27.79
C GLU B 351 -3.33 -30.25 -26.59
N LEU B 352 -3.26 -30.78 -25.38
CA LEU B 352 -3.75 -30.06 -24.21
C LEU B 352 -2.87 -28.85 -23.89
N THR B 353 -3.52 -27.75 -23.51
CA THR B 353 -2.83 -26.54 -23.07
C THR B 353 -2.90 -26.42 -21.56
N ALA B 354 -2.17 -25.43 -21.05
CA ALA B 354 -2.29 -25.08 -19.64
C ALA B 354 -3.69 -24.62 -19.30
N THR B 355 -4.37 -23.96 -20.25
CA THR B 355 -5.74 -23.55 -20.02
C THR B 355 -6.64 -24.76 -19.87
N ASP B 356 -6.45 -25.78 -20.71
CA ASP B 356 -7.16 -27.04 -20.55
C ASP B 356 -6.88 -27.67 -19.20
N VAL B 357 -5.60 -27.71 -18.81
CA VAL B 357 -5.24 -28.35 -17.55
C VAL B 357 -5.87 -27.62 -16.38
N HIS B 358 -5.84 -26.28 -16.40
CA HIS B 358 -6.45 -25.50 -15.33
C HIS B 358 -7.96 -25.77 -15.25
N ARG B 359 -8.62 -25.85 -16.41
CA ARG B 359 -10.04 -26.16 -16.45
C ARG B 359 -10.34 -27.52 -15.82
N LEU B 360 -9.56 -28.54 -16.20
CA LEU B 360 -9.81 -29.89 -15.71
C LEU B 360 -9.56 -30.00 -14.22
N LEU B 361 -8.49 -29.37 -13.73
CA LEU B 361 -8.18 -29.48 -12.31
C LEU B 361 -9.17 -28.69 -11.47
N SER B 362 -9.59 -27.50 -11.93
CA SER B 362 -10.53 -26.71 -11.15
C SER B 362 -11.91 -27.35 -11.11
N ALA B 363 -12.27 -28.14 -12.13
CA ALA B 363 -13.56 -28.83 -12.08
C ALA B 363 -13.62 -29.85 -10.95
N ASP B 364 -12.46 -30.34 -10.50
CA ASP B 364 -12.37 -31.22 -9.35
C ASP B 364 -11.85 -30.51 -8.11
N GLY B 365 -11.79 -29.18 -8.14
CA GLY B 365 -11.49 -28.42 -6.94
C GLY B 365 -10.04 -28.07 -6.70
N VAL B 366 -9.15 -28.29 -7.66
CA VAL B 366 -7.73 -27.97 -7.52
C VAL B 366 -7.44 -26.75 -8.40
N TYR B 367 -6.91 -25.69 -7.80
CA TYR B 367 -6.74 -24.44 -8.51
C TYR B 367 -5.24 -24.14 -8.65
N VAL B 368 -4.75 -24.21 -9.89
CA VAL B 368 -3.39 -23.83 -10.23
C VAL B 368 -3.44 -22.60 -11.13
N LEU B 369 -2.29 -22.10 -11.56
CA LEU B 369 -2.28 -20.97 -12.49
C LEU B 369 -1.76 -21.41 -13.86
N PRO B 370 -2.50 -21.11 -14.92
CA PRO B 370 -1.95 -21.30 -16.27
C PRO B 370 -0.78 -20.37 -16.50
N GLY B 371 0.15 -20.81 -17.32
CA GLY B 371 1.34 -20.02 -17.54
C GLY B 371 1.12 -18.78 -18.37
N ARG B 372 -0.07 -18.63 -18.95
CA ARG B 372 -0.34 -17.51 -19.85
C ARG B 372 -0.01 -16.19 -19.21
N TYR B 373 -0.39 -15.96 -17.98
N TYR B 373 -0.28 -16.08 -17.87
CA TYR B 373 -0.16 -14.55 -17.69
CA TYR B 373 -0.19 -15.14 -16.75
C TYR B 373 1.30 -14.24 -17.37
C TYR B 373 1.22 -14.79 -16.37
N PHE B 374 2.15 -15.27 -17.17
CA PHE B 374 3.56 -15.04 -16.92
C PHE B 374 4.30 -14.67 -18.19
N TYR B 375 3.76 -15.02 -19.35
CA TYR B 375 4.33 -14.56 -20.62
C TYR B 375 3.54 -13.33 -21.06
N TRP B 376 3.82 -12.24 -20.35
CA TRP B 376 2.98 -11.05 -20.43
C TRP B 376 3.04 -10.38 -21.79
N SER B 377 4.09 -10.60 -22.58
CA SER B 377 4.14 -9.97 -23.90
C SER B 377 3.44 -10.81 -24.96
N GLU B 378 3.17 -12.08 -24.66
CA GLU B 378 2.69 -13.04 -25.65
C GLU B 378 2.07 -14.20 -24.87
N PRO B 379 0.87 -14.00 -24.30
CA PRO B 379 0.36 -14.99 -23.34
C PRO B 379 0.22 -16.40 -23.89
N SER B 380 0.03 -16.56 -25.21
CA SER B 380 -0.05 -17.92 -25.75
C SER B 380 1.21 -18.74 -25.45
N LYS B 381 2.37 -18.09 -25.33
CA LYS B 381 3.57 -18.85 -24.97
C LYS B 381 3.39 -19.55 -23.63
N GLY B 382 2.62 -18.93 -22.73
CA GLY B 382 2.41 -19.52 -21.43
C GLY B 382 1.39 -20.63 -21.40
N ASP B 383 0.69 -20.90 -22.50
CA ASP B 383 -0.19 -22.07 -22.50
C ASP B 383 0.58 -23.38 -22.50
N ALA B 384 1.91 -23.33 -22.55
CA ALA B 384 2.74 -24.50 -22.38
C ALA B 384 3.17 -24.76 -20.93
N TYR B 385 2.73 -23.95 -19.96
CA TYR B 385 3.26 -24.06 -18.61
C TYR B 385 2.16 -23.88 -17.57
N VAL B 386 2.43 -24.41 -16.38
CA VAL B 386 1.53 -24.29 -15.22
C VAL B 386 2.39 -23.97 -14.00
N ARG B 387 1.91 -23.05 -13.14
CA ARG B 387 2.56 -22.76 -11.86
C ARG B 387 1.70 -23.26 -10.69
N MET B 388 2.36 -23.83 -9.69
CA MET B 388 1.71 -24.25 -8.45
C MET B 388 2.40 -23.61 -7.26
N ALA B 389 1.60 -23.14 -6.30
CA ALA B 389 2.13 -22.57 -5.07
C ALA B 389 2.50 -23.65 -4.07
N LEU B 390 3.64 -23.46 -3.41
CA LEU B 390 4.16 -24.43 -2.46
C LEU B 390 4.06 -23.98 -1.00
N ALA B 391 3.76 -22.71 -0.75
CA ALA B 391 3.73 -22.21 0.63
C ALA B 391 2.36 -22.56 1.22
N ARG B 392 2.24 -23.82 1.63
CA ARG B 392 0.98 -24.42 2.02
C ARG B 392 1.23 -25.43 3.12
N GLU B 393 0.21 -25.67 3.93
CA GLU B 393 0.27 -26.77 4.88
C GLU B 393 0.50 -28.08 4.14
N PRO B 394 1.46 -28.91 4.57
CA PRO B 394 1.83 -30.09 3.77
C PRO B 394 0.72 -31.13 3.67
N GLU B 395 -0.13 -31.28 4.69
CA GLU B 395 -1.21 -32.24 4.60
C GLU B 395 -2.19 -31.86 3.51
N MET B 396 -2.63 -30.60 3.49
CA MET B 396 -3.49 -30.14 2.41
C MET B 396 -2.81 -30.29 1.06
N PHE B 397 -1.53 -29.92 0.99
CA PHE B 397 -0.82 -29.98 -0.29
C PHE B 397 -0.74 -31.41 -0.81
N ALA B 398 -0.44 -32.37 0.08
CA ALA B 398 -0.35 -33.76 -0.34
C ALA B 398 -1.69 -34.28 -0.83
N ASP B 399 -2.79 -33.89 -0.15
CA ASP B 399 -4.12 -34.25 -0.63
C ASP B 399 -4.39 -33.64 -2.00
N ALA B 400 -3.98 -32.37 -2.21
CA ALA B 400 -4.17 -31.75 -3.51
C ALA B 400 -3.40 -32.48 -4.59
N MET B 401 -2.18 -32.95 -4.27
CA MET B 401 -1.36 -33.65 -5.25
C MET B 401 -1.99 -34.98 -5.63
N ALA B 402 -2.51 -35.72 -4.65
CA ALA B 402 -3.16 -36.98 -4.98
C ALA B 402 -4.33 -36.77 -5.92
N LEU B 403 -5.14 -35.74 -5.65
CA LEU B 403 -6.27 -35.44 -6.52
C LEU B 403 -5.79 -34.97 -7.91
N THR B 404 -4.72 -34.18 -7.93
CA THR B 404 -4.19 -33.67 -9.20
C THR B 404 -3.78 -34.81 -10.13
N ARG B 405 -2.99 -35.77 -9.62
CA ARG B 405 -2.56 -36.87 -10.48
C ARG B 405 -3.73 -37.74 -10.91
N GLN B 406 -4.71 -37.93 -10.03
CA GLN B 406 -5.89 -38.69 -10.42
C GLN B 406 -6.66 -38.01 -11.54
N VAL B 407 -6.76 -36.69 -11.50
CA VAL B 407 -7.43 -35.95 -12.57
C VAL B 407 -6.64 -36.06 -13.87
N LEU B 408 -5.32 -35.81 -13.80
CA LEU B 408 -4.49 -35.85 -14.99
C LEU B 408 -4.49 -37.23 -15.64
N ASP B 409 -4.58 -38.29 -14.84
CA ASP B 409 -4.54 -39.65 -15.39
C ASP B 409 -5.79 -40.02 -16.17
N ARG B 410 -6.86 -39.24 -16.06
CA ARG B 410 -8.04 -39.45 -16.89
C ARG B 410 -7.89 -38.88 -18.29
N HIS B 411 -6.85 -38.10 -18.55
CA HIS B 411 -6.62 -37.54 -19.88
C HIS B 411 -5.20 -37.80 -20.36
#